data_3F6K
#
_entry.id   3F6K
#
_cell.length_a   145.760
_cell.length_b   74.530
_cell.length_c   108.330
_cell.angle_alpha   90.00
_cell.angle_beta   131.87
_cell.angle_gamma   90.00
#
_symmetry.space_group_name_H-M   'C 1 2 1'
#
loop_
_entity.id
_entity.type
_entity.pdbx_description
1 polymer Sortilin
2 polymer Neurotensin
3 branched 2-acetamido-2-deoxy-beta-D-glucopyranose-(1-4)-2-acetamido-2-deoxy-beta-D-glucopyranose
4 branched beta-D-mannopyranose-(1-4)-2-acetamido-2-deoxy-beta-D-glucopyranose-(1-4)-2-acetamido-2-deoxy-beta-D-glucopyranose
5 non-polymer 'TRIETHYLENE GLYCOL'
6 non-polymer GLYCEROL
7 water water
#
loop_
_entity_poly.entity_id
_entity_poly.type
_entity_poly.pdbx_seq_one_letter_code
_entity_poly.pdbx_strand_id
1 'polypeptide(L)'
;SAPGEDEECGRVRDFVAKLANNTHQHVFDDLRGSVSLSWVGDSTGVILVLTTFHVPLVIMTFGQSKLYRSEDYGKNFKDI
TDLINNTFIRTEFGMAIGPENSGKVVLTAEVSGGSRGGRIFRSSDFAKNFVQTDLPFHPLTQMMYSPQNSDYLLALSTEN
GLWVSKNFGGKWEEIHKAVCLAKWGSDNTIFFTTYANGSCKADLGALELWRTSDLGKSFKTIGVKIYSFGLGGRFLFASV
MADKDTTRRIHVSTDQGDTWSMAQLPSVGQEQFYSILAANDDMVFMHVDEPGDTGFGTIFTSDDRGIVYSKSLDRHLYTT
TGGETDFTNVTSLRGVYITSVLSEDNSIQTMITFDQGGRWTHLRKPENSECDATAKNKNECSLHIHASYSISQKLNVPMA
PLSEPNAVGIVIAHGSVGDAISVMVPDVYISDDGGYSWTKMLEGPHYYTILDSGGIIVAIEHSSRPINVIKFSTDEGQCW
QTYTFTRDPIYFTGLASEPGARSMNISIWGFTESFLTSQWVSYTIDFKDILERNCEEKDYTIWLAHSTDPEDYEDGCILG
YKEQFLRLRKSSMCQNGRDYVVTKQPSICLCSLEDFLCDFGYYRPENDSKCVEQPELKGHDLEFCLYGREEHLTTNGYRK
IPGDKCQGGVNPVREVKDLKKKCTSNFLSPEKQNSKSNSHHHHHH
;
A
2 'polypeptide(L)' (PCA)LYENKPRRPYIL N
#
# COMPACT_ATOMS: atom_id res chain seq x y z
N ARG A 11 5.76 34.04 -5.76
CA ARG A 11 6.17 34.26 -7.18
C ARG A 11 4.93 34.30 -8.05
N VAL A 12 3.83 33.83 -7.49
CA VAL A 12 2.54 33.85 -8.15
C VAL A 12 1.96 35.25 -7.93
N ARG A 13 1.58 35.95 -9.01
CA ARG A 13 0.97 37.28 -8.88
C ARG A 13 -0.56 37.19 -8.77
N ASP A 14 -1.14 38.16 -8.03
CA ASP A 14 -2.58 38.29 -7.84
C ASP A 14 -3.21 37.00 -7.25
N PHE A 15 -2.41 36.21 -6.56
CA PHE A 15 -2.90 34.87 -6.13
C PHE A 15 -4.13 34.90 -5.21
N VAL A 16 -4.21 35.90 -4.36
CA VAL A 16 -5.38 35.98 -3.49
C VAL A 16 -6.71 36.15 -4.28
N ALA A 17 -6.74 37.09 -5.20
CA ALA A 17 -7.87 37.28 -6.12
C ALA A 17 -8.19 36.05 -6.98
N LYS A 18 -7.17 35.27 -7.34
CA LYS A 18 -7.35 34.10 -8.19
C LYS A 18 -7.88 32.91 -7.38
N LEU A 19 -7.83 33.01 -6.06
CA LEU A 19 -8.22 31.90 -5.18
C LEU A 19 -9.53 32.24 -4.51
N ALA A 20 -9.72 33.50 -4.20
CA ALA A 20 -10.88 33.96 -3.43
C ALA A 20 -12.25 33.63 -4.02
N ASN A 21 -12.37 33.65 -5.35
CA ASN A 21 -13.65 33.32 -6.02
C ASN A 21 -13.68 31.83 -6.40
N ASN A 22 -12.65 31.09 -5.99
CA ASN A 22 -12.57 29.66 -6.23
C ASN A 22 -12.50 28.80 -4.97
N THR A 23 -12.93 29.40 -3.86
CA THR A 23 -12.95 28.80 -2.55
C THR A 23 -14.39 28.65 -2.13
N HIS A 24 -14.78 27.44 -1.74
CA HIS A 24 -16.18 27.09 -1.63
C HIS A 24 -16.45 26.46 -0.27
N GLN A 25 -17.34 27.07 0.48
CA GLN A 25 -17.60 26.66 1.85
C GLN A 25 -18.85 25.86 1.87
N HIS A 26 -18.83 24.72 2.54
CA HIS A 26 -20.08 24.03 2.82
C HIS A 26 -20.20 23.77 4.31
N VAL A 27 -21.37 24.05 4.87
CA VAL A 27 -21.62 23.82 6.30
C VAL A 27 -22.56 22.62 6.46
N PHE A 28 -22.09 21.62 7.21
CA PHE A 28 -22.86 20.43 7.46
C PHE A 28 -23.67 20.61 8.75
N ASP A 29 -24.99 20.63 8.60
CA ASP A 29 -25.96 20.83 9.69
C ASP A 29 -25.75 19.85 10.84
N ASP A 30 -25.28 18.65 10.49
CA ASP A 30 -25.07 17.58 11.46
C ASP A 30 -24.12 16.55 10.90
N LEU A 31 -23.11 16.23 11.70
CA LEU A 31 -22.06 15.29 11.32
C LEU A 31 -21.44 14.65 12.58
N ARG A 32 -22.29 14.36 13.57
CA ARG A 32 -21.85 13.69 14.80
C ARG A 32 -21.55 12.23 14.50
N GLY A 33 -20.77 11.61 15.40
CA GLY A 33 -20.39 10.20 15.26
C GLY A 33 -19.26 9.95 14.27
N SER A 34 -19.01 8.68 14.01
CA SER A 34 -18.07 8.24 12.98
C SER A 34 -18.49 8.84 11.63
N VAL A 35 -17.55 9.57 11.04
CA VAL A 35 -17.74 10.26 9.77
C VAL A 35 -16.73 9.72 8.77
N SER A 36 -17.21 9.43 7.56
CA SER A 36 -16.36 8.85 6.55
C SER A 36 -16.67 9.42 5.18
N LEU A 37 -15.65 9.38 4.35
CA LEU A 37 -15.71 10.00 3.07
C LEU A 37 -15.15 9.00 2.05
N SER A 38 -15.86 8.87 0.93
CA SER A 38 -15.48 7.97 -0.14
C SER A 38 -15.61 8.67 -1.45
N TRP A 39 -14.61 8.51 -2.31
CA TRP A 39 -14.71 9.05 -3.64
C TRP A 39 -15.37 7.99 -4.52
N VAL A 40 -16.27 8.40 -5.41
CA VAL A 40 -16.87 7.40 -6.29
C VAL A 40 -16.46 7.65 -7.78
N GLY A 41 -15.60 6.80 -8.34
CA GLY A 41 -15.12 6.94 -9.74
C GLY A 41 -14.00 8.00 -9.90
N ASP A 42 -13.26 7.93 -11.02
CA ASP A 42 -12.26 8.94 -11.46
C ASP A 42 -12.92 9.92 -12.43
N SER A 43 -12.61 11.20 -12.29
CA SER A 43 -13.13 12.25 -13.17
C SER A 43 -14.63 12.44 -13.06
N THR A 44 -15.21 12.10 -11.92
CA THR A 44 -16.63 12.26 -11.71
C THR A 44 -16.85 13.41 -10.80
N GLY A 45 -15.89 13.69 -9.91
CA GLY A 45 -16.10 14.72 -8.86
C GLY A 45 -17.04 14.29 -7.74
N VAL A 46 -17.43 13.02 -7.75
CA VAL A 46 -18.36 12.46 -6.77
C VAL A 46 -17.76 12.02 -5.49
N ILE A 47 -18.26 12.63 -4.42
CA ILE A 47 -17.84 12.34 -3.05
C ILE A 47 -19.08 12.04 -2.20
N LEU A 48 -19.04 10.98 -1.42
CA LEU A 48 -20.12 10.65 -0.47
C LEU A 48 -19.60 10.84 0.92
N VAL A 49 -20.32 11.55 1.78
CA VAL A 49 -19.91 11.70 3.16
C VAL A 49 -21.01 11.03 4.01
N LEU A 50 -20.66 10.03 4.81
CA LEU A 50 -21.61 9.31 5.64
C LEU A 50 -21.29 9.52 7.12
N THR A 51 -22.33 9.57 7.96
CA THR A 51 -22.19 9.74 9.41
C THR A 51 -22.99 8.66 10.15
N THR A 52 -22.52 8.32 11.34
CA THR A 52 -23.21 7.39 12.22
C THR A 52 -22.91 7.77 13.67
N PHE A 53 -23.97 7.93 14.46
CA PHE A 53 -23.87 8.14 15.91
C PHE A 53 -24.98 7.37 16.59
N HIS A 54 -24.74 7.03 17.85
CA HIS A 54 -25.78 6.42 18.69
C HIS A 54 -26.18 7.45 19.72
N VAL A 55 -27.42 7.34 20.23
CA VAL A 55 -27.85 8.15 21.36
C VAL A 55 -27.99 7.25 22.61
N PRO A 56 -26.87 7.05 23.34
CA PRO A 56 -26.78 6.06 24.43
C PRO A 56 -27.18 6.49 25.86
N LEU A 57 -28.34 6.02 26.31
CA LEU A 57 -28.71 5.97 27.74
C LEU A 57 -29.67 4.79 27.96
N GLY A 63 -29.94 4.94 16.87
CA GLY A 63 -28.88 5.14 15.84
C GLY A 63 -29.41 5.89 14.62
N GLN A 64 -28.72 6.99 14.26
CA GLN A 64 -29.13 7.78 13.08
C GLN A 64 -27.97 8.02 12.11
N SER A 65 -28.25 7.97 10.81
CA SER A 65 -27.21 8.22 9.81
C SER A 65 -27.58 9.31 8.87
N LYS A 66 -26.55 10.04 8.43
CA LYS A 66 -26.71 11.12 7.51
C LYS A 66 -25.80 10.82 6.34
N LEU A 67 -26.30 11.11 5.15
CA LEU A 67 -25.57 10.88 3.92
C LEU A 67 -25.59 12.16 3.09
N TYR A 68 -24.42 12.57 2.64
CA TYR A 68 -24.30 13.77 1.84
C TYR A 68 -23.57 13.41 0.53
N ARG A 69 -23.88 14.09 -0.54
CA ARG A 69 -23.25 13.79 -1.82
C ARG A 69 -22.82 15.03 -2.53
N SER A 70 -21.59 15.03 -3.05
CA SER A 70 -21.14 16.11 -3.94
C SER A 70 -20.97 15.52 -5.35
N GLU A 71 -21.16 16.34 -6.38
CA GLU A 71 -20.80 15.95 -7.74
C GLU A 71 -19.84 16.98 -8.31
N ASP A 72 -19.28 17.80 -7.44
CA ASP A 72 -18.32 18.79 -7.93
C ASP A 72 -17.04 18.84 -7.12
N TYR A 73 -16.48 17.70 -6.71
CA TYR A 73 -15.16 17.69 -6.01
C TYR A 73 -15.26 18.34 -4.63
N GLY A 74 -16.49 18.40 -4.09
CA GLY A 74 -16.68 18.79 -2.69
C GLY A 74 -17.09 20.22 -2.51
N LYS A 75 -17.26 20.94 -3.62
CA LYS A 75 -17.60 22.34 -3.53
C LYS A 75 -19.00 22.51 -2.91
N ASN A 76 -19.95 21.76 -3.44
CA ASN A 76 -21.32 21.75 -2.91
C ASN A 76 -21.74 20.35 -2.52
N PHE A 77 -22.31 20.19 -1.33
CA PHE A 77 -23.02 18.96 -0.99
C PHE A 77 -24.56 19.11 -0.93
N LYS A 78 -25.25 17.98 -1.06
CA LYS A 78 -26.69 17.82 -0.95
C LYS A 78 -26.96 16.74 0.10
N ASP A 79 -27.85 16.99 1.04
CA ASP A 79 -28.22 15.98 2.00
C ASP A 79 -29.09 14.95 1.24
N ILE A 80 -28.65 13.69 1.14
CA ILE A 80 -29.46 12.69 0.42
C ILE A 80 -29.90 11.59 1.39
N THR A 81 -29.95 11.92 2.68
CA THR A 81 -30.35 11.00 3.74
C THR A 81 -31.72 10.38 3.43
N ASP A 82 -32.57 11.21 2.84
CA ASP A 82 -33.89 10.74 2.43
C ASP A 82 -33.79 9.52 1.50
N LEU A 83 -32.76 9.45 0.66
CA LEU A 83 -32.59 8.30 -0.21
C LEU A 83 -32.42 7.00 0.52
N ILE A 84 -31.83 7.03 1.71
CA ILE A 84 -31.67 5.78 2.45
C ILE A 84 -32.81 5.62 3.47
N ASN A 85 -33.92 6.31 3.26
CA ASN A 85 -35.08 6.26 4.19
C ASN A 85 -34.66 6.56 5.62
N ASN A 86 -33.72 7.48 5.79
CA ASN A 86 -33.20 7.85 7.11
C ASN A 86 -32.80 6.61 7.92
N THR A 87 -32.36 5.55 7.23
CA THR A 87 -32.08 4.31 7.92
C THR A 87 -30.72 4.45 8.53
N PHE A 88 -30.48 3.72 9.61
CA PHE A 88 -29.16 3.69 10.23
C PHE A 88 -28.14 2.78 9.50
N ILE A 89 -27.11 3.41 8.93
CA ILE A 89 -26.10 2.67 8.18
C ILE A 89 -24.97 2.24 9.10
N ARG A 90 -24.64 0.96 9.09
CA ARG A 90 -23.58 0.42 9.91
C ARG A 90 -22.22 0.76 9.29
N THR A 91 -21.38 1.46 10.05
CA THR A 91 -20.11 2.03 9.52
C THR A 91 -19.03 0.97 9.38
N GLU A 92 -19.15 -0.03 10.26
CA GLU A 92 -18.36 -1.26 10.25
C GLU A 92 -18.12 -1.79 8.83
N PHE A 93 -19.16 -1.81 7.99
CA PHE A 93 -19.04 -2.34 6.62
C PHE A 93 -18.58 -1.28 5.64
N GLY A 94 -18.53 -0.04 6.09
CA GLY A 94 -18.21 1.10 5.21
C GLY A 94 -19.09 1.15 3.96
N MET A 95 -18.69 1.97 3.00
CA MET A 95 -19.39 2.06 1.74
C MET A 95 -18.53 1.21 0.82
N ALA A 96 -19.14 0.25 0.15
CA ALA A 96 -18.37 -0.64 -0.70
C ALA A 96 -18.50 -0.08 -2.10
N ILE A 97 -17.43 0.58 -2.52
CA ILE A 97 -17.36 1.27 -3.78
C ILE A 97 -16.88 0.30 -4.84
N GLY A 98 -17.59 0.22 -5.97
CA GLY A 98 -17.22 -0.69 -7.03
C GLY A 98 -15.99 -0.24 -7.77
N PRO A 99 -15.40 -1.14 -8.57
CA PRO A 99 -14.16 -0.83 -9.30
C PRO A 99 -14.29 0.24 -10.38
N GLU A 100 -13.14 0.82 -10.75
CA GLU A 100 -13.04 1.64 -11.93
C GLU A 100 -14.14 2.68 -11.92
N ASN A 101 -14.80 2.86 -13.05
CA ASN A 101 -15.93 3.76 -13.11
C ASN A 101 -17.25 3.05 -13.32
N SER A 102 -17.42 1.91 -12.66
CA SER A 102 -18.72 1.24 -12.65
C SER A 102 -19.79 2.11 -12.00
N GLY A 103 -19.39 2.93 -11.04
CA GLY A 103 -20.33 3.83 -10.36
C GLY A 103 -21.19 3.10 -9.31
N LYS A 104 -20.80 1.87 -8.95
CA LYS A 104 -21.51 1.10 -7.93
C LYS A 104 -21.16 1.51 -6.51
N VAL A 105 -22.19 1.52 -5.67
CA VAL A 105 -22.08 1.84 -4.22
C VAL A 105 -23.07 0.91 -3.47
N VAL A 106 -22.61 0.19 -2.48
CA VAL A 106 -23.50 -0.61 -1.62
C VAL A 106 -23.31 -0.12 -0.20
N LEU A 107 -24.41 0.20 0.49
CA LEU A 107 -24.34 0.52 1.93
C LEU A 107 -25.12 -0.58 2.68
N THR A 108 -24.62 -0.99 3.83
CA THR A 108 -25.20 -2.08 4.61
C THR A 108 -25.90 -1.49 5.81
N ALA A 109 -27.17 -1.86 5.99
CA ALA A 109 -27.97 -1.31 7.06
C ALA A 109 -28.07 -2.22 8.30
N GLU A 110 -28.42 -1.64 9.44
CA GLU A 110 -28.85 -2.42 10.62
C GLU A 110 -30.35 -2.71 10.52
N VAL A 111 -30.69 -4.00 10.64
CA VAL A 111 -32.10 -4.40 10.70
C VAL A 111 -32.53 -4.61 12.15
N SER A 112 -33.84 -4.78 12.36
CA SER A 112 -34.36 -5.14 13.68
C SER A 112 -33.92 -6.54 14.14
N GLY A 113 -34.11 -6.81 15.44
CA GLY A 113 -33.68 -8.07 16.02
C GLY A 113 -34.52 -9.25 15.56
N GLY A 114 -35.72 -8.99 15.05
CA GLY A 114 -36.56 -10.05 14.48
C GLY A 114 -36.11 -10.64 13.14
N SER A 115 -35.29 -9.89 12.40
CA SER A 115 -35.00 -10.15 10.98
C SER A 115 -34.32 -11.47 10.66
N ARG A 116 -34.76 -12.04 9.54
CA ARG A 116 -34.12 -13.22 8.95
C ARG A 116 -32.79 -12.82 8.33
N GLY A 117 -32.83 -11.80 7.46
CA GLY A 117 -31.60 -11.28 6.88
C GLY A 117 -31.49 -9.77 6.94
N GLY A 118 -30.34 -9.26 6.56
CA GLY A 118 -30.06 -7.85 6.65
C GLY A 118 -30.66 -7.09 5.51
N ARG A 119 -30.02 -5.98 5.19
CA ARG A 119 -30.58 -5.06 4.22
C ARG A 119 -29.48 -4.16 3.71
N ILE A 120 -29.46 -3.95 2.40
CA ILE A 120 -28.49 -3.02 1.79
C ILE A 120 -29.16 -2.01 0.92
N PHE A 121 -28.47 -0.90 0.65
CA PHE A 121 -28.96 0.11 -0.28
C PHE A 121 -27.90 0.14 -1.37
N ARG A 122 -28.31 -0.10 -2.61
CA ARG A 122 -27.40 -0.26 -3.70
C ARG A 122 -27.70 0.75 -4.79
N SER A 123 -26.63 1.34 -5.29
CA SER A 123 -26.70 2.27 -6.41
C SER A 123 -25.72 1.87 -7.52
N SER A 124 -26.15 1.99 -8.77
CA SER A 124 -25.24 1.85 -9.90
C SER A 124 -24.98 3.15 -10.65
N ASP A 125 -25.49 4.27 -10.18
CA ASP A 125 -25.22 5.50 -10.89
C ASP A 125 -24.52 6.49 -10.01
N PHE A 126 -23.40 6.08 -9.41
CA PHE A 126 -22.58 6.98 -8.60
C PHE A 126 -23.33 7.59 -7.43
N ALA A 127 -24.20 6.81 -6.80
CA ALA A 127 -24.98 7.25 -5.63
C ALA A 127 -26.03 8.34 -5.90
N LYS A 128 -26.43 8.55 -7.16
CA LYS A 128 -27.54 9.49 -7.46
C LYS A 128 -28.87 8.91 -7.03
N ASN A 129 -29.02 7.61 -7.20
CA ASN A 129 -30.24 6.92 -6.81
C ASN A 129 -29.87 5.65 -6.12
N PHE A 130 -30.63 5.26 -5.11
CA PHE A 130 -30.43 4.05 -4.38
C PHE A 130 -31.72 3.25 -4.41
N VAL A 131 -31.59 1.94 -4.42
CA VAL A 131 -32.71 1.07 -4.11
C VAL A 131 -32.38 0.21 -2.89
N GLN A 132 -33.37 -0.05 -2.05
CA GLN A 132 -33.25 -0.94 -0.91
C GLN A 132 -33.51 -2.38 -1.29
N THR A 133 -32.67 -3.30 -0.83
CA THR A 133 -32.82 -4.72 -1.12
C THR A 133 -32.71 -5.44 0.23
N ASP A 134 -33.65 -6.35 0.52
CA ASP A 134 -33.55 -7.17 1.71
C ASP A 134 -32.78 -8.43 1.38
N LEU A 135 -31.78 -8.75 2.21
CA LEU A 135 -30.94 -9.96 2.05
C LEU A 135 -31.48 -11.25 2.71
N PRO A 136 -31.22 -12.43 2.12
CA PRO A 136 -31.59 -13.67 2.85
C PRO A 136 -30.50 -14.14 3.84
N PHE A 137 -29.65 -13.23 4.29
CA PHE A 137 -28.66 -13.55 5.33
C PHE A 137 -28.27 -12.27 6.01
N HIS A 138 -27.53 -12.34 7.11
CA HIS A 138 -26.94 -11.16 7.74
C HIS A 138 -25.50 -11.14 7.46
N PRO A 139 -25.01 -10.09 6.77
CA PRO A 139 -23.62 -10.01 6.37
C PRO A 139 -22.73 -9.85 7.59
N LEU A 140 -21.55 -10.47 7.54
CA LEU A 140 -20.54 -10.43 8.58
C LEU A 140 -19.33 -9.63 8.12
N THR A 141 -19.07 -9.66 6.80
CA THR A 141 -18.00 -8.91 6.17
C THR A 141 -18.56 -7.84 5.22
N GLN A 142 -17.69 -6.88 4.83
CA GLN A 142 -18.04 -5.97 3.73
C GLN A 142 -18.19 -6.77 2.45
N MET A 143 -19.17 -6.42 1.63
CA MET A 143 -19.30 -7.06 0.31
C MET A 143 -18.13 -6.74 -0.63
N MET A 144 -17.70 -7.73 -1.40
CA MET A 144 -16.52 -7.68 -2.25
C MET A 144 -16.90 -7.86 -3.73
N TYR A 145 -16.49 -6.91 -4.57
CA TYR A 145 -16.77 -6.97 -6.01
C TYR A 145 -15.72 -7.79 -6.71
N SER A 146 -16.12 -8.56 -7.71
CA SER A 146 -15.15 -9.19 -8.59
C SER A 146 -14.45 -8.08 -9.42
N PRO A 147 -13.12 -8.12 -9.51
CA PRO A 147 -12.48 -7.02 -10.29
C PRO A 147 -12.75 -7.10 -11.80
N GLN A 148 -13.00 -8.29 -12.33
CA GLN A 148 -13.40 -8.48 -13.74
C GLN A 148 -14.81 -7.97 -14.03
N ASN A 149 -15.68 -7.93 -13.01
CA ASN A 149 -17.13 -7.72 -13.20
C ASN A 149 -17.75 -7.15 -11.95
N SER A 150 -18.06 -5.87 -12.01
CA SER A 150 -18.62 -5.14 -10.89
C SER A 150 -20.02 -5.65 -10.50
N ASP A 151 -20.65 -6.50 -11.32
CA ASP A 151 -21.96 -7.01 -10.99
C ASP A 151 -21.86 -8.27 -10.15
N TYR A 152 -20.65 -8.79 -9.99
CA TYR A 152 -20.49 -10.02 -9.24
C TYR A 152 -20.03 -9.64 -7.84
N LEU A 153 -20.82 -10.02 -6.82
CA LEU A 153 -20.48 -9.74 -5.40
C LEU A 153 -20.36 -11.03 -4.59
N LEU A 154 -19.46 -11.02 -3.62
CA LEU A 154 -19.49 -12.09 -2.64
C LEU A 154 -19.53 -11.51 -1.24
N ALA A 155 -20.00 -12.30 -0.28
CA ALA A 155 -20.12 -11.86 1.12
C ALA A 155 -20.28 -13.08 2.01
N LEU A 156 -19.75 -13.01 3.22
CA LEU A 156 -19.91 -14.08 4.18
C LEU A 156 -21.04 -13.65 5.10
N SER A 157 -21.83 -14.60 5.57
CA SER A 157 -22.91 -14.31 6.50
C SER A 157 -22.44 -14.55 7.94
N THR A 158 -23.30 -14.18 8.90
CA THR A 158 -22.98 -14.32 10.32
C THR A 158 -22.99 -15.80 10.72
N GLU A 159 -23.56 -16.64 9.86
CA GLU A 159 -23.48 -18.08 10.04
C GLU A 159 -22.31 -18.75 9.30
N ASN A 160 -21.42 -17.93 8.75
CA ASN A 160 -20.32 -18.38 7.89
C ASN A 160 -20.78 -19.12 6.62
N GLY A 161 -21.84 -18.64 6.00
CA GLY A 161 -22.14 -19.11 4.67
C GLY A 161 -21.45 -18.15 3.74
N LEU A 162 -20.98 -18.67 2.62
CA LEU A 162 -20.51 -17.85 1.53
C LEU A 162 -21.64 -17.68 0.53
N TRP A 163 -21.98 -16.43 0.27
CA TRP A 163 -23.06 -16.08 -0.64
C TRP A 163 -22.52 -15.31 -1.83
N VAL A 164 -23.03 -15.64 -3.00
CA VAL A 164 -22.62 -14.95 -4.22
C VAL A 164 -23.82 -14.31 -4.93
N SER A 165 -23.60 -13.15 -5.56
CA SER A 165 -24.67 -12.53 -6.37
C SER A 165 -24.12 -12.22 -7.77
N LYS A 166 -24.91 -12.49 -8.81
CA LYS A 166 -24.48 -12.24 -10.19
C LYS A 166 -25.08 -10.97 -10.78
N ASN A 167 -25.94 -10.30 -10.02
CA ASN A 167 -26.71 -9.15 -10.52
C ASN A 167 -26.68 -8.02 -9.54
N PHE A 168 -25.46 -7.69 -9.10
CA PHE A 168 -25.19 -6.56 -8.23
C PHE A 168 -26.04 -6.62 -6.95
N GLY A 169 -26.11 -7.80 -6.34
CA GLY A 169 -26.73 -7.97 -5.02
C GLY A 169 -28.22 -7.99 -5.05
N GLY A 170 -28.79 -8.18 -6.24
CA GLY A 170 -30.24 -8.37 -6.37
C GLY A 170 -30.73 -9.70 -5.81
N LYS A 171 -30.07 -10.77 -6.21
CA LYS A 171 -30.40 -12.10 -5.70
C LYS A 171 -29.14 -12.77 -5.31
N TRP A 172 -29.19 -13.51 -4.22
CA TRP A 172 -28.04 -14.19 -3.70
C TRP A 172 -28.27 -15.70 -3.70
N GLU A 173 -27.19 -16.47 -3.73
CA GLU A 173 -27.26 -17.89 -3.40
C GLU A 173 -26.08 -18.29 -2.56
N GLU A 174 -26.31 -19.16 -1.58
CA GLU A 174 -25.20 -19.63 -0.79
C GLU A 174 -24.59 -20.83 -1.46
N ILE A 175 -23.31 -20.73 -1.77
CA ILE A 175 -22.60 -21.76 -2.51
C ILE A 175 -21.81 -22.63 -1.54
N HIS A 176 -21.59 -22.13 -0.33
CA HIS A 176 -20.92 -22.91 0.69
C HIS A 176 -21.24 -22.48 2.13
N LYS A 177 -21.22 -23.47 3.02
CA LYS A 177 -21.79 -23.35 4.34
C LYS A 177 -20.86 -23.07 5.51
N ALA A 178 -19.57 -23.42 5.40
CA ALA A 178 -18.72 -23.31 6.57
C ALA A 178 -17.41 -22.62 6.23
N VAL A 179 -17.48 -21.33 5.90
CA VAL A 179 -16.36 -20.60 5.26
C VAL A 179 -15.77 -19.58 6.22
N CYS A 180 -14.44 -19.47 6.27
CA CYS A 180 -13.79 -18.55 7.16
C CYS A 180 -13.30 -17.30 6.48
N LEU A 181 -12.82 -17.43 5.25
CA LEU A 181 -12.20 -16.34 4.47
C LEU A 181 -12.51 -16.58 3.00
N ALA A 182 -12.90 -15.57 2.23
CA ALA A 182 -13.06 -15.75 0.80
C ALA A 182 -12.54 -14.52 0.10
N LYS A 183 -11.87 -14.75 -1.04
CA LYS A 183 -11.41 -13.67 -1.93
C LYS A 183 -11.58 -14.00 -3.42
N TRP A 184 -11.76 -12.94 -4.22
CA TRP A 184 -11.82 -13.02 -5.67
C TRP A 184 -10.40 -13.09 -6.20
N GLY A 185 -10.15 -14.01 -7.12
CA GLY A 185 -8.89 -14.02 -7.88
C GLY A 185 -9.17 -13.39 -9.22
N SER A 186 -8.48 -13.84 -10.26
CA SER A 186 -8.72 -13.30 -11.60
C SER A 186 -9.79 -14.07 -12.34
N ASP A 187 -10.39 -13.44 -13.36
CA ASP A 187 -11.30 -14.11 -14.25
C ASP A 187 -12.47 -14.71 -13.48
N ASN A 188 -12.94 -13.98 -12.45
CA ASN A 188 -14.14 -14.32 -11.65
C ASN A 188 -13.96 -15.58 -10.83
N THR A 189 -12.73 -15.85 -10.43
CA THR A 189 -12.48 -17.00 -9.60
C THR A 189 -12.66 -16.65 -8.11
N ILE A 190 -13.17 -17.60 -7.31
CA ILE A 190 -13.24 -17.45 -5.86
C ILE A 190 -12.37 -18.49 -5.17
N PHE A 191 -11.48 -18.03 -4.27
CA PHE A 191 -10.73 -18.90 -3.34
C PHE A 191 -11.30 -18.69 -1.93
N PHE A 192 -11.46 -19.77 -1.18
CA PHE A 192 -12.03 -19.64 0.17
C PHE A 192 -11.66 -20.81 1.06
N THR A 193 -11.55 -20.60 2.37
CA THR A 193 -11.12 -21.65 3.26
C THR A 193 -12.35 -22.12 3.97
N THR A 194 -12.34 -23.36 4.38
CA THR A 194 -13.47 -23.94 5.07
C THR A 194 -13.02 -24.71 6.30
N TYR A 195 -13.89 -24.77 7.29
CA TYR A 195 -13.62 -25.55 8.48
C TYR A 195 -14.62 -26.68 8.63
N ALA A 196 -14.14 -27.77 9.19
CA ALA A 196 -14.90 -28.97 9.34
C ALA A 196 -14.41 -29.57 10.64
N ASN A 197 -15.17 -29.33 11.71
CA ASN A 197 -14.84 -29.75 13.09
C ASN A 197 -15.74 -28.95 14.02
N GLY A 198 -15.42 -27.65 14.12
CA GLY A 198 -16.16 -26.62 14.89
C GLY A 198 -15.41 -25.34 14.58
N SER A 199 -16.07 -24.17 14.74
CA SER A 199 -15.51 -22.83 14.45
C SER A 199 -14.20 -22.60 13.62
N CYS A 200 -14.16 -21.47 12.92
CA CYS A 200 -12.95 -21.07 12.24
C CYS A 200 -11.75 -21.10 13.15
N LYS A 201 -11.88 -20.66 14.40
CA LYS A 201 -10.72 -20.50 15.30
C LYS A 201 -10.23 -21.82 15.84
N ALA A 202 -11.14 -22.75 16.11
CA ALA A 202 -10.75 -24.06 16.60
C ALA A 202 -10.28 -25.03 15.49
N ASP A 203 -10.54 -24.67 14.24
CA ASP A 203 -10.13 -25.50 13.10
C ASP A 203 -8.88 -24.91 12.38
N LEU A 204 -8.25 -23.93 13.02
CA LEU A 204 -7.08 -23.25 12.45
C LEU A 204 -6.02 -24.29 12.23
N GLY A 205 -5.36 -24.18 11.08
CA GLY A 205 -4.33 -25.13 10.66
C GLY A 205 -4.83 -26.45 10.10
N ALA A 206 -6.13 -26.69 10.11
CA ALA A 206 -6.71 -27.84 9.44
C ALA A 206 -7.84 -27.38 8.51
N LEU A 207 -7.77 -26.14 8.02
CA LEU A 207 -8.76 -25.68 7.09
C LEU A 207 -8.45 -26.32 5.75
N GLU A 208 -9.41 -26.31 4.84
CA GLU A 208 -9.13 -26.64 3.47
C GLU A 208 -9.29 -25.43 2.60
N LEU A 209 -8.49 -25.35 1.55
CA LEU A 209 -8.59 -24.23 0.64
C LEU A 209 -9.34 -24.72 -0.59
N TRP A 210 -10.38 -24.01 -1.01
CA TRP A 210 -11.21 -24.42 -2.15
C TRP A 210 -11.12 -23.35 -3.24
N ARG A 211 -11.34 -23.78 -4.48
CA ARG A 211 -11.47 -22.87 -5.62
C ARG A 211 -12.76 -23.19 -6.34
N THR A 212 -13.43 -22.16 -6.83
CA THR A 212 -14.53 -22.30 -7.78
C THR A 212 -14.36 -21.30 -8.93
N SER A 213 -14.24 -21.80 -10.15
CA SER A 213 -13.99 -20.93 -11.31
C SER A 213 -15.31 -20.41 -11.93
N ASP A 214 -16.41 -21.06 -11.56
CA ASP A 214 -17.71 -20.85 -12.16
C ASP A 214 -18.82 -20.41 -11.18
N LEU A 215 -18.45 -19.60 -10.20
CA LEU A 215 -19.40 -18.99 -9.26
C LEU A 215 -20.20 -20.02 -8.43
N GLY A 216 -19.57 -21.13 -8.08
CA GLY A 216 -20.23 -22.10 -7.22
C GLY A 216 -20.73 -23.37 -7.89
N LYS A 217 -20.62 -23.47 -9.21
CA LYS A 217 -21.06 -24.70 -9.91
C LYS A 217 -20.15 -25.88 -9.63
N SER A 218 -18.85 -25.69 -9.81
CA SER A 218 -17.90 -26.75 -9.50
C SER A 218 -17.00 -26.22 -8.41
N PHE A 219 -16.39 -27.13 -7.68
CA PHE A 219 -15.35 -26.78 -6.75
C PHE A 219 -14.16 -27.68 -6.95
N LYS A 220 -13.01 -27.17 -6.55
CA LYS A 220 -11.85 -28.03 -6.42
C LYS A 220 -11.15 -27.67 -5.11
N THR A 221 -10.89 -28.69 -4.30
CA THR A 221 -10.09 -28.51 -3.10
C THR A 221 -8.65 -28.43 -3.53
N ILE A 222 -8.01 -27.28 -3.29
CA ILE A 222 -6.64 -27.10 -3.73
C ILE A 222 -5.63 -27.12 -2.61
N GLY A 223 -6.06 -27.35 -1.39
CA GLY A 223 -5.12 -27.42 -0.28
C GLY A 223 -5.81 -27.92 0.98
N VAL A 224 -5.03 -28.60 1.82
CA VAL A 224 -5.51 -29.03 3.10
C VAL A 224 -4.52 -28.58 4.14
N LYS A 225 -4.92 -28.64 5.41
CA LYS A 225 -4.04 -28.27 6.55
C LYS A 225 -3.59 -26.82 6.43
N ILE A 226 -4.50 -26.00 5.89
CA ILE A 226 -4.28 -24.58 5.70
C ILE A 226 -4.42 -23.84 7.01
N TYR A 227 -3.61 -22.80 7.19
CA TYR A 227 -3.72 -21.86 8.29
C TYR A 227 -4.36 -20.60 7.75
N SER A 228 -3.81 -20.05 6.67
CA SER A 228 -4.39 -18.91 5.99
C SER A 228 -3.89 -18.85 4.53
N PHE A 229 -4.40 -17.90 3.75
CA PHE A 229 -3.98 -17.78 2.37
C PHE A 229 -4.07 -16.33 1.95
N GLY A 230 -3.39 -16.00 0.86
CA GLY A 230 -3.42 -14.67 0.31
C GLY A 230 -2.99 -14.65 -1.13
N LEU A 231 -3.24 -13.53 -1.79
CA LEU A 231 -2.88 -13.35 -3.18
C LEU A 231 -1.89 -12.18 -3.29
N GLY A 232 -0.87 -12.28 -4.12
CA GLY A 232 -0.03 -11.10 -4.38
C GLY A 232 0.57 -11.27 -5.75
N GLY A 233 0.35 -10.28 -6.62
CA GLY A 233 0.82 -10.33 -8.02
C GLY A 233 0.26 -11.58 -8.70
N ARG A 234 1.16 -12.37 -9.28
CA ARG A 234 0.87 -13.59 -9.97
C ARG A 234 0.74 -14.78 -9.03
N PHE A 235 0.99 -14.55 -7.73
CA PHE A 235 1.16 -15.67 -6.81
C PHE A 235 -0.03 -15.89 -5.91
N LEU A 236 -0.32 -17.17 -5.65
CA LEU A 236 -1.27 -17.54 -4.60
C LEU A 236 -0.40 -18.11 -3.46
N PHE A 237 -0.50 -17.59 -2.24
CA PHE A 237 0.29 -18.08 -1.12
C PHE A 237 -0.65 -18.75 -0.14
N ALA A 238 -0.23 -19.84 0.47
CA ALA A 238 -1.01 -20.53 1.48
C ALA A 238 -0.03 -20.84 2.61
N SER A 239 -0.39 -20.65 3.88
CA SER A 239 0.49 -21.19 4.89
C SER A 239 -0.08 -22.51 5.37
N VAL A 240 0.77 -23.51 5.49
CA VAL A 240 0.33 -24.88 5.68
C VAL A 240 1.03 -25.45 6.89
N MET A 241 0.28 -26.16 7.73
CA MET A 241 0.82 -26.62 9.00
C MET A 241 1.44 -27.97 8.80
N ALA A 242 2.64 -28.18 9.36
CA ALA A 242 3.30 -29.49 9.25
C ALA A 242 2.59 -30.46 10.14
N ASP A 243 2.14 -31.58 9.56
CA ASP A 243 1.42 -32.57 10.35
C ASP A 243 2.38 -33.27 11.33
N LYS A 244 1.83 -33.58 12.51
CA LYS A 244 2.61 -33.97 13.69
C LYS A 244 3.40 -32.76 14.27
N ASP A 245 2.88 -31.53 14.09
CA ASP A 245 3.60 -30.32 14.51
C ASP A 245 2.77 -29.02 14.61
N THR A 246 3.35 -28.01 15.26
CA THR A 246 2.64 -26.78 15.58
C THR A 246 3.09 -25.64 14.65
N THR A 247 4.18 -25.90 13.91
CA THR A 247 4.71 -24.91 13.00
C THR A 247 3.99 -24.94 11.65
N ARG A 248 4.23 -23.92 10.83
CA ARG A 248 3.66 -23.85 9.51
C ARG A 248 4.71 -23.22 8.51
N ARG A 249 4.44 -23.35 7.20
CA ARG A 249 5.34 -22.92 6.08
C ARG A 249 4.53 -22.37 4.96
N ILE A 250 5.17 -21.61 4.06
CA ILE A 250 4.48 -20.94 2.97
C ILE A 250 4.62 -21.88 1.79
N HIS A 251 3.54 -22.07 1.04
CA HIS A 251 3.58 -22.78 -0.24
C HIS A 251 3.02 -21.84 -1.26
N VAL A 252 3.51 -21.92 -2.49
CA VAL A 252 3.21 -20.93 -3.54
C VAL A 252 2.65 -21.64 -4.77
N SER A 253 1.68 -21.05 -5.41
CA SER A 253 1.18 -21.53 -6.68
C SER A 253 1.04 -20.35 -7.64
N THR A 254 1.44 -20.55 -8.89
CA THR A 254 1.17 -19.55 -9.93
C THR A 254 0.14 -20.07 -10.93
N ASP A 255 -0.54 -21.17 -10.63
CA ASP A 255 -1.64 -21.67 -11.46
C ASP A 255 -2.92 -21.93 -10.65
N GLN A 256 -3.27 -20.97 -9.79
CA GLN A 256 -4.50 -21.01 -9.00
C GLN A 256 -4.61 -22.31 -8.20
N GLY A 257 -3.50 -22.80 -7.72
CA GLY A 257 -3.56 -23.94 -6.83
C GLY A 257 -3.77 -25.29 -7.48
N ASP A 258 -3.59 -25.36 -8.80
CA ASP A 258 -3.52 -26.68 -9.49
C ASP A 258 -2.24 -27.38 -9.10
N THR A 259 -1.17 -26.59 -8.94
CA THR A 259 0.15 -27.08 -8.46
C THR A 259 0.81 -26.13 -7.45
N TRP A 260 1.55 -26.70 -6.50
CA TRP A 260 2.15 -25.99 -5.37
C TRP A 260 3.61 -26.35 -5.22
N SER A 261 4.41 -25.40 -4.75
CA SER A 261 5.79 -25.68 -4.37
C SER A 261 5.97 -25.07 -3.00
N MET A 262 6.82 -25.68 -2.19
CA MET A 262 7.18 -25.08 -0.94
C MET A 262 8.13 -23.92 -1.23
N ALA A 263 7.94 -22.82 -0.55
CA ALA A 263 8.82 -21.71 -0.78
C ALA A 263 10.07 -21.91 0.08
N GLN A 264 11.17 -21.32 -0.36
CA GLN A 264 12.45 -21.44 0.31
C GLN A 264 12.54 -20.40 1.41
N LEU A 265 11.81 -20.62 2.50
CA LEU A 265 11.66 -19.61 3.57
C LEU A 265 11.56 -20.43 4.80
N PRO A 266 11.97 -19.87 5.96
CA PRO A 266 11.82 -20.62 7.22
C PRO A 266 10.37 -20.88 7.56
N SER A 267 10.14 -22.00 8.22
CA SER A 267 8.91 -22.21 8.92
C SER A 267 8.83 -21.36 10.22
N VAL A 268 7.61 -21.17 10.71
CA VAL A 268 7.35 -20.33 11.86
C VAL A 268 6.48 -21.08 12.87
N GLY A 269 6.60 -20.73 14.14
CA GLY A 269 5.67 -21.19 15.17
C GLY A 269 4.38 -20.39 15.22
N GLN A 270 3.53 -20.75 16.18
CA GLN A 270 2.19 -20.14 16.33
C GLN A 270 2.25 -18.69 16.76
N GLU A 271 3.31 -18.32 17.49
CA GLU A 271 3.47 -16.91 17.87
C GLU A 271 4.15 -16.00 16.84
N GLN A 272 4.61 -16.55 15.71
CA GLN A 272 5.16 -15.79 14.55
C GLN A 272 4.18 -15.66 13.40
N PHE A 273 4.53 -14.82 12.42
CA PHE A 273 3.68 -14.58 11.29
C PHE A 273 4.56 -14.32 10.06
N TYR A 274 3.95 -14.42 8.89
CA TYR A 274 4.52 -13.91 7.65
C TYR A 274 3.63 -12.76 7.23
N SER A 275 4.19 -11.81 6.48
CA SER A 275 3.36 -10.71 5.91
C SER A 275 3.95 -10.38 4.52
N ILE A 276 3.09 -10.26 3.55
CA ILE A 276 3.46 -9.94 2.20
C ILE A 276 3.45 -8.44 2.27
N LEU A 277 4.64 -7.87 2.35
CA LEU A 277 4.86 -6.40 2.38
C LEU A 277 4.46 -5.73 1.11
N ALA A 278 4.83 -6.35 -0.02
CA ALA A 278 4.57 -5.77 -1.35
C ALA A 278 4.73 -6.82 -2.38
N ALA A 279 3.92 -6.74 -3.42
CA ALA A 279 3.99 -7.74 -4.48
C ALA A 279 3.51 -7.14 -5.79
N ASN A 280 4.22 -7.55 -6.84
CA ASN A 280 3.84 -7.15 -8.17
C ASN A 280 3.95 -8.31 -9.14
N ASP A 281 4.07 -8.01 -10.42
CA ASP A 281 4.05 -9.05 -11.45
C ASP A 281 5.36 -9.75 -11.51
N ASP A 282 6.35 -9.18 -10.87
CA ASP A 282 7.71 -9.72 -10.91
C ASP A 282 8.11 -10.55 -9.68
N MET A 283 7.85 -10.01 -8.49
CA MET A 283 8.39 -10.55 -7.25
C MET A 283 7.55 -10.13 -6.07
N VAL A 284 7.92 -10.64 -4.92
CA VAL A 284 7.30 -10.26 -3.64
C VAL A 284 8.36 -9.94 -2.60
N PHE A 285 8.04 -9.01 -1.68
CA PHE A 285 8.83 -8.79 -0.48
C PHE A 285 8.04 -9.50 0.63
N MET A 286 8.65 -10.46 1.35
CA MET A 286 7.98 -11.22 2.43
C MET A 286 8.63 -10.78 3.76
N HIS A 287 7.87 -10.52 4.81
CA HIS A 287 8.47 -10.40 6.14
C HIS A 287 8.17 -11.69 6.89
N VAL A 288 9.17 -12.22 7.58
CA VAL A 288 9.02 -13.36 8.49
C VAL A 288 9.46 -12.84 9.86
N ASP A 289 8.51 -12.88 10.80
CA ASP A 289 8.73 -12.48 12.19
C ASP A 289 9.80 -13.39 12.84
N GLU A 290 10.68 -12.78 13.62
CA GLU A 290 11.73 -13.48 14.35
C GLU A 290 11.14 -14.26 15.55
N PRO A 291 11.70 -15.44 15.85
CA PRO A 291 11.11 -16.19 16.94
C PRO A 291 11.31 -15.50 18.28
N GLY A 292 10.24 -15.45 19.09
CA GLY A 292 10.29 -14.96 20.47
C GLY A 292 9.79 -13.53 20.62
N ASP A 293 8.85 -13.16 19.75
CA ASP A 293 8.28 -11.80 19.63
C ASP A 293 9.12 -10.63 20.21
N THR A 294 10.14 -10.31 19.43
CA THR A 294 11.07 -9.24 19.62
C THR A 294 10.61 -7.94 18.90
N GLY A 295 9.46 -7.99 18.24
CA GLY A 295 8.96 -6.87 17.45
C GLY A 295 9.70 -6.58 16.14
N PHE A 296 10.50 -7.54 15.68
CA PHE A 296 11.17 -7.40 14.39
C PHE A 296 11.28 -8.75 13.65
N GLY A 297 11.66 -8.71 12.38
CA GLY A 297 11.84 -9.94 11.60
C GLY A 297 12.82 -9.67 10.47
N THR A 298 12.65 -10.37 9.38
CA THR A 298 13.61 -10.22 8.31
C THR A 298 12.85 -10.10 7.05
N ILE A 299 13.33 -9.26 6.13
CA ILE A 299 12.68 -9.13 4.84
C ILE A 299 13.42 -10.01 3.88
N PHE A 300 12.64 -10.75 3.08
CA PHE A 300 13.14 -11.62 2.03
C PHE A 300 12.53 -11.17 0.73
N THR A 301 13.28 -11.26 -0.38
CA THR A 301 12.68 -10.99 -1.67
C THR A 301 12.68 -12.25 -2.52
N SER A 302 11.61 -12.49 -3.28
CA SER A 302 11.48 -13.74 -4.05
C SER A 302 12.08 -13.47 -5.40
N ASP A 303 12.50 -14.54 -6.05
CA ASP A 303 12.68 -14.58 -7.49
C ASP A 303 11.35 -14.46 -8.22
N ASP A 304 11.35 -14.66 -9.53
CA ASP A 304 10.14 -14.41 -10.31
C ASP A 304 9.14 -15.58 -10.27
N ARG A 305 9.56 -16.67 -9.65
CA ARG A 305 8.70 -17.83 -9.43
C ARG A 305 8.01 -17.75 -8.07
N GLY A 306 8.45 -16.83 -7.23
CA GLY A 306 7.93 -16.72 -5.89
C GLY A 306 8.40 -17.85 -4.98
N ILE A 307 9.47 -18.53 -5.40
CA ILE A 307 9.93 -19.76 -4.70
C ILE A 307 11.30 -19.66 -4.01
N VAL A 308 12.24 -18.95 -4.60
CA VAL A 308 13.58 -18.86 -4.02
C VAL A 308 13.71 -17.46 -3.45
N TYR A 309 14.12 -17.33 -2.20
CA TYR A 309 14.07 -16.06 -1.48
C TYR A 309 15.44 -15.67 -1.03
N SER A 310 15.71 -14.39 -1.12
CA SER A 310 17.00 -13.89 -0.71
C SER A 310 16.75 -13.02 0.52
N LYS A 311 17.63 -13.10 1.52
CA LYS A 311 17.49 -12.27 2.67
C LYS A 311 17.91 -10.87 2.25
N SER A 312 17.00 -9.92 2.41
CA SER A 312 17.22 -8.55 1.99
C SER A 312 17.58 -7.63 3.20
N LEU A 313 16.89 -7.78 4.34
CA LEU A 313 17.05 -6.80 5.42
C LEU A 313 16.75 -7.47 6.74
N ASP A 314 17.73 -7.48 7.64
CA ASP A 314 17.54 -8.06 8.99
C ASP A 314 17.08 -6.97 9.95
N ARG A 315 16.39 -7.40 11.02
CA ARG A 315 15.93 -6.60 12.16
C ARG A 315 14.96 -5.56 11.64
N HIS A 316 14.12 -5.98 10.69
CA HIS A 316 13.11 -5.12 10.15
C HIS A 316 11.97 -4.93 11.18
N LEU A 317 11.59 -3.68 11.49
CA LEU A 317 10.69 -3.41 12.60
C LEU A 317 9.27 -3.78 12.13
N TYR A 318 8.56 -4.61 12.89
CA TYR A 318 7.17 -4.92 12.54
C TYR A 318 6.57 -5.44 13.85
N THR A 319 5.65 -4.69 14.43
CA THR A 319 5.28 -4.95 15.82
C THR A 319 4.19 -6.03 15.91
N THR A 320 4.29 -6.89 16.92
CA THR A 320 3.24 -7.88 17.22
C THR A 320 1.93 -7.23 17.72
N THR A 321 2.06 -6.11 18.46
CA THR A 321 0.89 -5.30 18.91
C THR A 321 0.27 -4.41 17.83
N GLY A 322 -0.77 -4.91 17.19
CA GLY A 322 -1.39 -4.15 16.10
C GLY A 322 -0.78 -4.39 14.73
N GLY A 323 0.50 -4.78 14.69
CA GLY A 323 1.14 -5.10 13.42
C GLY A 323 1.42 -3.80 12.69
N GLU A 324 2.29 -2.98 13.26
CA GLU A 324 2.68 -1.72 12.63
C GLU A 324 4.01 -1.94 12.00
N THR A 325 4.20 -1.47 10.77
CA THR A 325 5.51 -1.54 10.12
C THR A 325 5.74 -0.24 9.33
N ASP A 326 7.02 0.14 9.14
CA ASP A 326 7.27 1.41 8.40
C ASP A 326 7.55 1.14 6.94
N PHE A 327 7.38 -0.10 6.51
CA PHE A 327 7.65 -0.43 5.09
C PHE A 327 6.81 0.39 4.11
N THR A 328 7.44 1.09 3.15
CA THR A 328 6.72 2.02 2.30
C THR A 328 7.38 1.85 0.86
N ASN A 329 6.60 1.56 -0.16
CA ASN A 329 7.05 1.72 -1.54
C ASN A 329 7.05 3.21 -1.86
N VAL A 330 8.17 3.73 -2.28
CA VAL A 330 8.24 5.13 -2.77
C VAL A 330 7.73 5.01 -4.17
N THR A 331 6.42 5.33 -4.37
CA THR A 331 5.82 4.99 -5.65
C THR A 331 6.31 5.89 -6.75
N SER A 332 7.01 6.97 -6.39
CA SER A 332 7.44 7.90 -7.41
C SER A 332 8.80 7.68 -8.04
N LEU A 333 9.48 6.53 -7.72
CA LEU A 333 10.69 6.20 -8.40
C LEU A 333 10.84 4.67 -8.33
N ARG A 334 10.98 4.05 -9.49
CA ARG A 334 11.10 2.60 -9.61
C ARG A 334 12.18 2.07 -8.72
N GLY A 335 12.00 0.85 -8.13
CA GLY A 335 13.02 0.26 -7.30
C GLY A 335 13.14 0.83 -5.86
N VAL A 336 12.52 2.01 -5.55
CA VAL A 336 12.88 2.62 -4.26
C VAL A 336 11.82 2.19 -3.18
N TYR A 337 12.31 1.77 -2.04
CA TYR A 337 11.46 1.45 -0.86
C TYR A 337 12.17 2.02 0.37
N ILE A 338 11.41 2.28 1.45
CA ILE A 338 12.02 2.81 2.68
C ILE A 338 11.42 1.99 3.83
N THR A 339 12.18 1.73 4.92
CA THR A 339 11.56 1.15 6.09
C THR A 339 12.37 1.48 7.32
N SER A 340 12.00 0.92 8.47
CA SER A 340 12.74 1.12 9.74
C SER A 340 13.33 -0.16 10.18
N VAL A 341 14.46 -0.09 10.84
CA VAL A 341 15.11 -1.30 11.36
C VAL A 341 15.55 -0.96 12.76
N LEU A 342 15.72 -1.98 13.57
CA LEU A 342 16.18 -1.80 14.93
C LEU A 342 17.67 -1.96 14.96
N SER A 343 18.34 -1.02 15.59
CA SER A 343 19.76 -1.19 15.74
C SER A 343 20.09 -2.24 16.80
N GLU A 344 21.34 -2.66 16.91
CA GLU A 344 21.67 -3.59 18.00
C GLU A 344 21.45 -3.00 19.41
N ASP A 345 21.39 -1.66 19.50
CA ASP A 345 21.08 -0.95 20.77
C ASP A 345 19.58 -0.60 20.91
N ASN A 346 18.80 -1.09 19.97
CA ASN A 346 17.35 -1.02 20.00
C ASN A 346 16.83 0.41 19.74
N SER A 347 17.69 1.28 19.21
CA SER A 347 17.18 2.50 18.61
C SER A 347 16.70 2.18 17.17
N ILE A 348 15.83 3.01 16.61
CA ILE A 348 15.21 2.74 15.32
C ILE A 348 15.80 3.65 14.25
N GLN A 349 16.28 3.07 13.16
CA GLN A 349 16.82 3.83 12.05
C GLN A 349 16.00 3.60 10.76
N THR A 350 15.96 4.61 9.92
CA THR A 350 15.38 4.48 8.60
C THR A 350 16.43 4.07 7.56
N MET A 351 16.03 3.14 6.68
CA MET A 351 16.89 2.62 5.62
C MET A 351 16.16 2.78 4.31
N ILE A 352 16.91 2.92 3.24
CA ILE A 352 16.26 3.04 1.93
C ILE A 352 17.03 2.15 0.98
N THR A 353 16.31 1.61 0.02
CA THR A 353 16.85 0.84 -1.09
C THR A 353 16.38 1.44 -2.38
N PHE A 354 17.30 1.45 -3.38
CA PHE A 354 17.05 2.02 -4.67
C PHE A 354 16.96 0.99 -5.71
N ASP A 355 17.41 -0.23 -5.40
CA ASP A 355 17.33 -1.34 -6.35
C ASP A 355 16.47 -2.52 -5.84
N GLN A 356 15.25 -2.26 -5.41
CA GLN A 356 14.37 -3.40 -5.11
C GLN A 356 14.94 -4.38 -4.05
N GLY A 357 15.73 -3.84 -3.13
CA GLY A 357 16.10 -4.60 -1.98
C GLY A 357 17.39 -5.33 -2.14
N GLY A 358 18.17 -5.07 -3.22
CA GLY A 358 19.48 -5.65 -3.28
C GLY A 358 20.49 -5.04 -2.30
N ARG A 359 20.35 -3.77 -2.01
CA ARG A 359 21.22 -3.09 -1.05
C ARG A 359 20.38 -2.08 -0.34
N TRP A 360 20.65 -1.88 0.96
CA TRP A 360 19.88 -0.89 1.76
C TRP A 360 20.88 0.02 2.40
N THR A 361 20.55 1.30 2.49
CA THR A 361 21.47 2.28 3.11
C THR A 361 20.72 3.32 3.97
N HIS A 362 21.46 4.12 4.72
CA HIS A 362 20.86 5.27 5.44
C HIS A 362 20.45 6.37 4.52
N LEU A 363 19.47 7.18 4.89
CA LEU A 363 19.10 8.29 4.03
C LEU A 363 20.06 9.49 4.22
N ARG A 364 20.43 10.14 3.12
CA ARG A 364 21.41 11.22 3.20
C ARG A 364 20.83 12.46 3.94
N LYS A 365 21.59 13.01 4.88
CA LYS A 365 21.18 14.17 5.65
C LYS A 365 20.98 15.36 4.70
N PRO A 366 19.93 16.22 4.91
CA PRO A 366 19.84 17.49 4.19
C PRO A 366 21.08 18.36 4.43
N GLU A 367 21.63 18.96 3.40
CA GLU A 367 22.86 19.74 3.50
C GLU A 367 22.82 20.79 4.65
N ASN A 368 21.69 21.48 4.76
CA ASN A 368 21.57 22.58 5.70
C ASN A 368 20.90 22.22 7.04
N SER A 369 20.89 20.93 7.38
CA SER A 369 20.36 20.46 8.66
C SER A 369 21.47 20.28 9.71
N GLU A 370 21.05 20.38 10.97
CA GLU A 370 21.89 20.22 12.15
C GLU A 370 21.55 18.83 12.73
N CYS A 371 22.57 18.02 13.08
CA CYS A 371 22.33 16.71 13.73
C CYS A 371 21.72 16.86 15.13
N ASP A 372 20.63 16.14 15.42
CA ASP A 372 19.95 16.27 16.71
C ASP A 372 20.64 15.54 17.88
N ALA A 373 19.94 15.43 19.01
CA ALA A 373 20.51 14.84 20.18
C ALA A 373 20.72 13.33 20.09
N THR A 374 20.10 12.66 19.13
CA THR A 374 20.38 11.26 18.94
C THR A 374 21.74 10.97 18.26
N ALA A 375 22.41 12.02 17.74
CA ALA A 375 23.61 11.84 16.90
C ALA A 375 24.88 11.77 17.76
N LYS A 376 25.62 10.67 17.62
CA LYS A 376 26.93 10.47 18.26
C LYS A 376 27.90 11.55 17.77
N ASN A 377 27.84 11.87 16.49
CA ASN A 377 28.73 12.84 15.85
C ASN A 377 27.95 14.03 15.27
N LYS A 378 28.30 15.22 15.72
CA LYS A 378 27.56 16.43 15.34
C LYS A 378 27.79 16.90 13.88
N ASN A 379 28.69 16.26 13.14
CA ASN A 379 28.89 16.60 11.72
C ASN A 379 28.56 15.44 10.77
N GLU A 380 27.99 14.35 11.29
CA GLU A 380 27.81 13.14 10.48
C GLU A 380 26.59 12.45 11.04
N CYS A 381 25.52 12.38 10.25
CA CYS A 381 24.29 11.74 10.64
C CYS A 381 23.44 11.48 9.40
N SER A 382 22.17 11.15 9.59
CA SER A 382 21.34 10.78 8.47
C SER A 382 19.90 11.22 8.71
N LEU A 383 19.09 11.14 7.71
CA LEU A 383 17.66 11.48 7.82
C LEU A 383 16.85 10.23 8.22
N HIS A 384 15.95 10.38 9.20
CA HIS A 384 15.08 9.26 9.54
C HIS A 384 13.68 9.78 9.35
N ILE A 385 12.76 8.87 9.06
CA ILE A 385 11.40 9.22 8.55
C ILE A 385 10.40 8.68 9.56
N HIS A 386 9.41 9.51 9.93
CA HIS A 386 8.32 9.07 10.78
C HIS A 386 7.21 8.46 9.94
N ALA A 387 6.77 7.25 10.33
CA ALA A 387 5.68 6.67 9.58
C ALA A 387 4.71 5.96 10.51
N SER A 388 4.13 4.84 10.08
CA SER A 388 3.13 4.18 10.92
C SER A 388 3.55 3.96 12.33
N TYR A 389 4.75 3.48 12.58
CA TYR A 389 5.08 3.18 13.97
C TYR A 389 5.15 4.43 14.82
N SER A 390 5.83 5.46 14.32
CA SER A 390 5.82 6.78 14.98
C SER A 390 4.43 7.27 15.33
N ILE A 391 3.51 7.19 14.39
CA ILE A 391 2.12 7.62 14.60
C ILE A 391 1.44 6.78 15.69
N SER A 392 1.59 5.46 15.64
CA SER A 392 1.03 4.59 16.67
C SER A 392 1.59 4.86 18.06
N GLN A 393 2.84 5.34 18.17
CA GLN A 393 3.46 5.70 19.47
C GLN A 393 3.12 7.11 19.96
N LYS A 394 2.18 7.75 19.28
CA LYS A 394 1.67 9.07 19.66
C LYS A 394 2.70 10.18 19.55
N LEU A 395 3.62 10.05 18.61
CA LEU A 395 4.46 11.19 18.32
C LEU A 395 3.61 12.23 17.56
N ASN A 396 4.08 13.46 17.52
CA ASN A 396 3.36 14.53 16.82
C ASN A 396 3.50 14.50 15.30
N VAL A 397 2.90 13.49 14.68
CA VAL A 397 3.13 13.19 13.25
C VAL A 397 1.74 13.08 12.60
N PRO A 398 1.31 14.15 11.91
CA PRO A 398 0.02 14.28 11.27
C PRO A 398 -0.12 13.27 10.11
N MET A 399 0.95 13.04 9.36
CA MET A 399 0.83 12.19 8.15
C MET A 399 2.02 11.33 7.98
N ALA A 400 1.82 10.20 7.32
CA ALA A 400 2.92 9.36 6.90
C ALA A 400 3.50 9.93 5.59
N PRO A 401 4.56 9.30 5.08
CA PRO A 401 5.24 9.75 3.83
C PRO A 401 4.31 9.68 2.62
N LEU A 402 4.42 10.66 1.71
CA LEU A 402 3.49 10.70 0.57
C LEU A 402 4.33 10.66 -0.68
N SER A 403 3.97 9.83 -1.66
CA SER A 403 4.60 9.93 -3.01
C SER A 403 3.50 9.49 -3.97
N GLU A 404 3.61 9.81 -5.28
CA GLU A 404 2.52 9.44 -6.23
C GLU A 404 3.25 9.11 -7.51
N PRO A 405 2.89 7.99 -8.19
CA PRO A 405 3.56 7.46 -9.42
C PRO A 405 3.71 8.57 -10.49
N ASN A 406 2.70 9.45 -10.60
CA ASN A 406 2.68 10.50 -11.61
C ASN A 406 3.44 11.79 -11.31
N ALA A 407 3.82 11.98 -10.05
CA ALA A 407 4.69 13.10 -9.68
C ALA A 407 6.12 12.54 -9.47
N VAL A 408 6.92 12.41 -10.54
CA VAL A 408 8.04 11.49 -10.52
C VAL A 408 9.08 12.15 -9.62
N GLY A 409 9.77 11.30 -8.91
CA GLY A 409 10.80 11.68 -7.97
C GLY A 409 10.36 12.29 -6.66
N ILE A 410 9.10 12.73 -6.52
CA ILE A 410 8.76 13.50 -5.31
C ILE A 410 8.38 12.65 -4.12
N VAL A 411 8.96 12.90 -2.92
CA VAL A 411 8.54 12.18 -1.72
C VAL A 411 8.56 13.24 -0.61
N ILE A 412 7.49 13.29 0.21
CA ILE A 412 7.38 14.22 1.33
C ILE A 412 7.11 13.45 2.57
N ALA A 413 7.76 13.80 3.68
CA ALA A 413 7.60 13.07 4.93
C ALA A 413 8.08 13.91 6.10
N HIS A 414 7.54 13.61 7.26
CA HIS A 414 8.10 14.14 8.48
C HIS A 414 9.30 13.35 8.84
N GLY A 415 10.28 14.03 9.37
CA GLY A 415 11.52 13.33 9.62
C GLY A 415 12.33 13.92 10.74
N SER A 416 13.47 13.31 11.05
CA SER A 416 14.33 13.88 12.09
C SER A 416 15.75 13.61 11.64
N VAL A 417 16.69 14.47 11.96
CA VAL A 417 18.05 14.36 11.45
C VAL A 417 18.98 13.96 12.55
N GLY A 418 19.51 12.74 12.50
CA GLY A 418 20.30 12.27 13.66
C GLY A 418 20.82 10.89 13.37
N ASP A 419 20.87 10.06 14.40
CA ASP A 419 21.31 8.67 14.29
C ASP A 419 20.16 7.72 14.52
N ALA A 420 19.01 8.25 14.91
CA ALA A 420 17.82 7.41 15.14
C ALA A 420 16.57 8.26 15.03
N ILE A 421 15.43 7.61 14.86
CA ILE A 421 14.16 8.31 14.98
C ILE A 421 14.01 8.98 16.36
N SER A 422 13.67 10.27 16.35
CA SER A 422 13.64 11.14 17.56
C SER A 422 12.23 11.20 18.08
N VAL A 423 12.06 11.56 19.35
CA VAL A 423 10.69 11.85 19.82
C VAL A 423 10.32 13.33 19.65
N MET A 424 11.23 14.17 19.16
CA MET A 424 10.96 15.60 19.14
C MET A 424 9.92 15.93 18.10
N VAL A 425 9.38 17.13 18.15
CA VAL A 425 8.36 17.51 17.13
C VAL A 425 9.12 17.63 15.76
N PRO A 426 8.67 16.89 14.73
CA PRO A 426 9.43 16.87 13.50
C PRO A 426 9.09 18.00 12.49
N ASP A 427 10.01 18.24 11.55
CA ASP A 427 9.79 19.13 10.46
C ASP A 427 9.47 18.26 9.25
N VAL A 428 9.13 18.89 8.15
CA VAL A 428 8.72 18.16 6.93
C VAL A 428 9.88 18.28 5.94
N TYR A 429 10.35 17.15 5.36
CA TYR A 429 11.42 17.17 4.34
C TYR A 429 10.84 16.73 3.02
N ILE A 430 11.45 17.16 1.94
CA ILE A 430 11.05 16.75 0.61
C ILE A 430 12.26 16.30 -0.18
N SER A 431 12.05 15.29 -1.02
CA SER A 431 13.00 14.94 -2.02
C SER A 431 12.33 15.06 -3.36
N ASP A 432 13.10 15.49 -4.37
CA ASP A 432 12.59 15.52 -5.74
C ASP A 432 13.37 14.55 -6.64
N ASP A 433 14.27 13.75 -6.04
CA ASP A 433 14.89 12.65 -6.79
C ASP A 433 14.60 11.26 -6.26
N GLY A 434 13.39 10.99 -5.72
CA GLY A 434 13.16 9.56 -5.32
C GLY A 434 13.91 9.15 -4.03
N GLY A 435 14.59 10.08 -3.33
CA GLY A 435 15.05 9.72 -2.03
C GLY A 435 16.54 9.78 -1.87
N TYR A 436 17.25 10.16 -2.94
CA TYR A 436 18.68 10.35 -2.84
C TYR A 436 19.10 11.59 -2.05
N SER A 437 18.46 12.70 -2.32
CA SER A 437 18.77 13.87 -1.57
C SER A 437 17.52 14.50 -1.04
N TRP A 438 17.64 15.18 0.10
CA TRP A 438 16.47 15.74 0.79
C TRP A 438 16.72 17.17 1.23
N THR A 439 15.67 17.94 1.33
CA THR A 439 15.75 19.31 1.92
C THR A 439 14.64 19.50 2.94
N LYS A 440 14.86 20.32 3.96
CA LYS A 440 13.76 20.68 4.85
C LYS A 440 12.74 21.51 4.08
N MET A 441 11.49 21.04 3.99
CA MET A 441 10.46 21.71 3.16
C MET A 441 9.72 22.75 3.99
N LEU A 442 9.30 22.34 5.20
CA LEU A 442 8.63 23.28 6.12
C LEU A 442 8.98 22.98 7.56
N GLU A 443 8.92 24.05 8.36
CA GLU A 443 9.21 24.02 9.78
C GLU A 443 7.98 23.52 10.60
N GLY A 444 8.08 22.47 11.39
CA GLY A 444 6.92 22.04 12.14
C GLY A 444 6.06 21.09 11.34
N PRO A 445 5.20 20.33 12.06
CA PRO A 445 4.40 19.28 11.42
C PRO A 445 3.27 19.86 10.54
N HIS A 446 3.03 19.28 9.36
CA HIS A 446 1.95 19.74 8.52
C HIS A 446 1.20 18.57 7.93
N TYR A 447 -0.02 18.86 7.48
CA TYR A 447 -0.68 17.91 6.56
C TYR A 447 -0.31 18.35 5.14
N TYR A 448 -0.21 17.44 4.18
CA TYR A 448 0.29 17.84 2.85
C TYR A 448 -0.40 17.02 1.81
N THR A 449 -0.51 17.59 0.61
CA THR A 449 -1.08 16.86 -0.51
C THR A 449 -0.38 17.27 -1.78
N ILE A 450 -0.28 16.37 -2.76
CA ILE A 450 0.18 16.75 -4.09
C ILE A 450 -1.00 16.84 -5.07
N LEU A 451 -1.13 17.98 -5.78
CA LEU A 451 -2.25 18.16 -6.83
C LEU A 451 -1.59 18.20 -8.20
N ASP A 452 -2.42 18.04 -9.24
CA ASP A 452 -2.01 18.01 -10.68
C ASP A 452 -0.62 17.41 -10.93
N SER A 453 -0.43 16.14 -10.56
CA SER A 453 0.83 15.40 -10.82
C SER A 453 2.10 16.18 -10.41
N GLY A 454 2.05 16.89 -9.29
CA GLY A 454 3.23 17.61 -8.83
C GLY A 454 3.23 19.07 -9.28
N GLY A 455 2.28 19.49 -10.11
CA GLY A 455 2.12 20.88 -10.47
C GLY A 455 1.97 21.78 -9.26
N ILE A 456 1.38 21.21 -8.21
CA ILE A 456 1.12 21.98 -6.96
C ILE A 456 1.27 21.10 -5.76
N ILE A 457 1.93 21.62 -4.70
CA ILE A 457 1.88 21.02 -3.40
C ILE A 457 1.20 21.97 -2.41
N VAL A 458 0.38 21.41 -1.54
CA VAL A 458 -0.39 22.18 -0.57
C VAL A 458 -0.05 21.66 0.82
N ALA A 459 -0.08 22.56 1.79
CA ALA A 459 0.15 22.13 3.15
C ALA A 459 -0.61 22.97 4.12
N ILE A 460 -1.04 22.31 5.21
CA ILE A 460 -1.80 22.97 6.31
C ILE A 460 -1.04 22.75 7.61
N GLU A 461 -0.81 23.79 8.39
CA GLU A 461 -0.08 23.68 9.68
C GLU A 461 -0.86 22.76 10.63
N HIS A 462 -0.18 21.87 11.34
CA HIS A 462 -0.83 21.04 12.35
C HIS A 462 -0.68 21.78 13.68
N SER A 463 -1.81 22.26 14.22
CA SER A 463 -1.89 23.10 15.39
C SER A 463 -2.89 22.55 16.43
N SER A 464 -2.72 22.92 17.70
CA SER A 464 -3.83 22.76 18.67
C SER A 464 -4.86 23.90 18.60
N ARG A 465 -4.50 25.01 17.97
CA ARG A 465 -5.40 26.15 17.84
C ARG A 465 -5.99 26.13 16.45
N PRO A 466 -7.13 26.81 16.24
CA PRO A 466 -7.72 26.93 14.91
C PRO A 466 -6.77 27.55 13.89
N ILE A 467 -6.97 27.18 12.64
CA ILE A 467 -6.21 27.72 11.50
C ILE A 467 -7.12 28.30 10.42
N ASN A 468 -6.55 29.17 9.57
CA ASN A 468 -7.35 29.71 8.46
C ASN A 468 -6.52 30.04 7.20
N VAL A 469 -5.36 29.40 7.15
CA VAL A 469 -4.35 29.56 6.12
C VAL A 469 -3.97 28.23 5.49
N ILE A 470 -3.70 28.24 4.18
CA ILE A 470 -3.23 27.06 3.52
C ILE A 470 -2.01 27.53 2.76
N LYS A 471 -0.95 26.72 2.79
CA LYS A 471 0.30 27.04 2.04
C LYS A 471 0.34 26.27 0.78
N PHE A 472 0.88 26.88 -0.27
CA PHE A 472 1.02 26.11 -1.54
C PHE A 472 2.27 26.48 -2.29
N SER A 473 2.77 25.52 -3.08
CA SER A 473 3.96 25.76 -3.84
C SER A 473 3.73 25.28 -5.25
N THR A 474 4.12 26.05 -6.23
CA THR A 474 4.12 25.58 -7.62
C THR A 474 5.50 25.11 -8.07
N ASP A 475 6.50 25.17 -7.21
CA ASP A 475 7.83 24.79 -7.65
C ASP A 475 8.33 23.63 -6.85
N GLU A 476 7.47 22.64 -6.68
CA GLU A 476 7.79 21.46 -5.90
C GLU A 476 8.47 21.74 -4.55
N GLY A 477 7.87 22.66 -3.80
CA GLY A 477 8.12 22.73 -2.38
C GLY A 477 9.37 23.53 -2.07
N GLN A 478 9.97 24.13 -3.08
CA GLN A 478 11.04 25.08 -2.85
C GLN A 478 10.54 26.45 -2.35
N CYS A 479 9.54 27.03 -2.99
CA CYS A 479 9.00 28.33 -2.54
C CYS A 479 7.53 28.18 -2.24
N TRP A 480 7.06 28.93 -1.24
CA TRP A 480 5.70 28.82 -0.69
C TRP A 480 5.00 30.15 -0.64
N GLN A 481 3.69 30.13 -0.83
CA GLN A 481 2.83 31.30 -0.65
C GLN A 481 1.73 30.82 0.31
N THR A 482 1.20 31.75 1.08
CA THR A 482 0.21 31.50 2.12
C THR A 482 -1.10 32.14 1.71
N TYR A 483 -2.19 31.36 1.60
CA TYR A 483 -3.51 31.92 1.37
C TYR A 483 -4.45 31.79 2.61
N THR A 484 -5.05 32.90 3.05
CA THR A 484 -6.10 32.88 4.07
C THR A 484 -7.45 32.50 3.48
N PHE A 485 -7.94 31.29 3.75
CA PHE A 485 -9.09 30.83 2.99
C PHE A 485 -10.39 31.07 3.68
N THR A 486 -10.34 31.57 4.89
CA THR A 486 -11.56 31.85 5.64
C THR A 486 -11.27 32.90 6.71
N ARG A 487 -12.26 33.69 7.00
CA ARG A 487 -12.18 34.54 8.18
C ARG A 487 -12.75 33.91 9.45
N ASP A 488 -13.37 32.74 9.39
CA ASP A 488 -13.70 32.02 10.62
C ASP A 488 -12.81 30.80 10.79
N PRO A 489 -11.69 30.94 11.51
CA PRO A 489 -10.73 29.86 11.65
C PRO A 489 -11.37 28.55 12.14
N ILE A 490 -10.85 27.40 11.71
CA ILE A 490 -11.47 26.12 12.03
C ILE A 490 -10.48 25.28 12.78
N TYR A 491 -10.93 24.39 13.67
CA TYR A 491 -10.12 23.23 14.06
C TYR A 491 -10.05 22.30 12.90
N PHE A 492 -8.84 22.16 12.39
CA PHE A 492 -8.58 21.38 11.17
C PHE A 492 -8.53 19.89 11.43
N THR A 493 -9.34 19.13 10.69
CA THR A 493 -9.36 17.66 10.83
C THR A 493 -8.69 16.85 9.67
N GLY A 494 -8.69 17.39 8.47
CA GLY A 494 -8.27 16.58 7.31
C GLY A 494 -8.41 17.27 5.98
N LEU A 495 -7.63 16.77 5.02
CA LEU A 495 -7.56 17.22 3.63
C LEU A 495 -8.14 16.08 2.83
N ALA A 496 -9.12 16.34 1.96
CA ALA A 496 -9.48 15.31 0.93
C ALA A 496 -9.23 15.82 -0.52
N SER A 497 -8.61 14.98 -1.35
CA SER A 497 -8.52 15.28 -2.79
C SER A 497 -8.67 14.04 -3.60
N GLU A 498 -8.97 14.20 -4.89
CA GLU A 498 -9.38 13.00 -5.72
C GLU A 498 -8.20 12.07 -5.75
N PRO A 499 -8.41 10.77 -5.43
CA PRO A 499 -7.37 9.82 -5.57
C PRO A 499 -6.62 9.86 -6.96
N GLY A 500 -5.31 9.68 -6.96
CA GLY A 500 -4.58 9.68 -8.27
C GLY A 500 -3.80 10.99 -8.52
N ALA A 501 -3.91 11.93 -7.61
CA ALA A 501 -3.17 13.25 -7.65
C ALA A 501 -3.25 14.05 -8.99
N ARG A 502 -4.38 14.00 -9.73
CA ARG A 502 -4.45 14.66 -11.04
C ARG A 502 -5.43 15.84 -11.03
N SER A 503 -6.06 16.12 -9.88
CA SER A 503 -7.10 17.15 -9.71
C SER A 503 -6.37 18.43 -9.33
N MET A 504 -7.01 19.57 -9.53
CA MET A 504 -6.57 20.83 -8.96
C MET A 504 -7.52 21.36 -7.87
N ASN A 505 -8.33 20.48 -7.29
CA ASN A 505 -9.25 20.75 -6.18
C ASN A 505 -8.74 20.09 -4.92
N ILE A 506 -8.79 20.82 -3.83
CA ILE A 506 -8.45 20.29 -2.55
C ILE A 506 -9.51 20.68 -1.56
N SER A 507 -9.96 19.71 -0.75
CA SER A 507 -10.91 20.07 0.34
C SER A 507 -10.29 20.05 1.69
N ILE A 508 -10.56 21.12 2.43
CA ILE A 508 -10.10 21.29 3.82
C ILE A 508 -11.32 21.01 4.76
N TRP A 509 -11.22 20.00 5.65
CA TRP A 509 -12.29 19.68 6.58
C TRP A 509 -11.92 20.11 7.99
N GLY A 510 -12.89 20.62 8.72
CA GLY A 510 -12.72 20.87 10.15
C GLY A 510 -14.01 21.25 10.82
N PHE A 511 -13.91 21.80 12.02
CA PHE A 511 -15.09 22.34 12.66
C PHE A 511 -14.81 23.65 13.33
N THR A 512 -15.84 24.45 13.44
CA THR A 512 -15.73 25.68 14.14
C THR A 512 -16.33 25.38 15.52
N GLU A 513 -15.78 26.00 16.56
CA GLU A 513 -16.30 25.84 17.92
C GLU A 513 -16.51 27.21 18.57
N SER A 514 -17.70 27.43 19.12
CA SER A 514 -17.93 28.51 20.03
C SER A 514 -18.17 27.94 21.44
N PHE A 515 -18.37 28.82 22.42
CA PHE A 515 -18.77 28.40 23.76
C PHE A 515 -20.07 27.63 23.65
N LEU A 516 -20.98 28.21 22.88
CA LEU A 516 -22.38 27.81 22.69
C LEU A 516 -22.58 26.58 21.81
N THR A 517 -21.84 26.46 20.70
CA THR A 517 -22.14 25.46 19.64
C THR A 517 -20.93 25.19 18.74
N SER A 518 -21.01 24.15 17.92
CA SER A 518 -19.97 23.94 16.93
C SER A 518 -20.59 23.36 15.68
N GLN A 519 -19.79 23.15 14.64
CA GLN A 519 -20.36 22.70 13.39
C GLN A 519 -19.26 22.35 12.41
N TRP A 520 -19.50 21.31 11.64
CA TRP A 520 -18.51 20.80 10.68
C TRP A 520 -18.57 21.64 9.45
N VAL A 521 -17.40 21.88 8.88
CA VAL A 521 -17.36 22.74 7.73
C VAL A 521 -16.33 22.19 6.76
N SER A 522 -16.63 22.22 5.45
CA SER A 522 -15.54 22.03 4.45
C SER A 522 -15.35 23.28 3.61
N TYR A 523 -14.12 23.56 3.25
CA TYR A 523 -13.76 24.56 2.27
C TYR A 523 -13.08 23.84 1.12
N THR A 524 -13.62 23.96 -0.09
CA THR A 524 -12.92 23.44 -1.28
C THR A 524 -12.31 24.59 -2.14
N ILE A 525 -11.03 24.43 -2.46
CA ILE A 525 -10.29 25.40 -3.25
C ILE A 525 -9.89 24.78 -4.60
N ASP A 526 -10.21 25.53 -5.65
CA ASP A 526 -9.86 25.20 -7.04
C ASP A 526 -8.72 26.09 -7.54
N PHE A 527 -7.58 25.47 -7.78
CA PHE A 527 -6.39 26.19 -8.31
C PHE A 527 -6.38 26.50 -9.83
N LYS A 528 -7.56 26.50 -10.47
CA LYS A 528 -7.62 26.55 -11.95
C LYS A 528 -7.19 27.92 -12.45
N ASP A 529 -7.27 28.91 -11.57
CA ASP A 529 -6.91 30.31 -11.98
C ASP A 529 -5.44 30.65 -11.65
N ILE A 530 -4.76 29.78 -10.89
CA ILE A 530 -3.31 29.89 -10.53
C ILE A 530 -2.60 29.19 -11.68
N LEU A 531 -2.99 27.94 -11.96
CA LEU A 531 -2.38 27.22 -13.08
C LEU A 531 -3.21 27.38 -14.35
N GLU A 532 -3.30 28.64 -14.83
CA GLU A 532 -4.31 29.00 -15.83
C GLU A 532 -3.86 28.55 -17.26
N ARG A 533 -2.57 28.18 -17.44
CA ARG A 533 -2.13 27.69 -18.75
C ARG A 533 -1.65 26.22 -18.75
N ASN A 534 -1.99 25.49 -19.81
CA ASN A 534 -1.54 24.09 -19.98
C ASN A 534 -0.03 24.07 -20.23
N CYS A 535 0.63 23.05 -19.71
CA CYS A 535 2.06 22.93 -19.96
C CYS A 535 2.18 22.56 -21.44
N GLU A 536 3.28 22.95 -22.07
CA GLU A 536 3.61 22.55 -23.44
C GLU A 536 4.97 21.86 -23.43
N GLU A 537 5.45 21.43 -24.60
CA GLU A 537 6.73 20.66 -24.67
C GLU A 537 7.89 21.41 -24.02
N LYS A 538 7.96 22.73 -24.24
CA LYS A 538 9.00 23.62 -23.69
C LYS A 538 9.03 23.71 -22.16
N ASP A 539 7.95 23.32 -21.50
CA ASP A 539 7.86 23.32 -20.05
C ASP A 539 8.52 22.13 -19.31
N TYR A 540 9.05 21.21 -20.08
CA TYR A 540 9.55 19.92 -19.54
C TYR A 540 11.02 19.86 -19.82
N THR A 541 11.73 19.16 -18.98
CA THR A 541 13.17 19.07 -19.16
C THR A 541 13.58 17.63 -18.91
N ILE A 542 14.58 17.17 -19.62
CA ILE A 542 15.06 15.80 -19.44
C ILE A 542 15.74 15.62 -18.09
N TRP A 543 15.45 14.46 -17.46
CA TRP A 543 16.05 14.12 -16.18
C TRP A 543 16.36 12.61 -16.12
N LEU A 544 17.59 12.28 -15.85
CA LEU A 544 18.01 10.84 -15.65
C LEU A 544 17.68 10.51 -14.21
N ALA A 545 16.83 9.54 -13.99
CA ALA A 545 16.57 9.05 -12.62
C ALA A 545 17.78 8.21 -12.10
N HIS A 546 17.96 8.10 -10.79
CA HIS A 546 19.02 7.32 -10.18
C HIS A 546 20.41 7.74 -10.54
N SER A 547 20.63 8.98 -10.90
CA SER A 547 21.96 9.36 -11.31
C SER A 547 22.84 9.42 -10.05
N THR A 548 24.00 8.78 -10.12
CA THR A 548 25.07 8.79 -9.06
C THR A 548 26.40 9.44 -9.48
N ASP A 549 26.80 9.24 -10.74
CA ASP A 549 28.12 9.69 -11.18
C ASP A 549 28.07 9.90 -12.69
N PRO A 550 27.85 11.15 -13.12
CA PRO A 550 27.67 11.49 -14.55
C PRO A 550 28.86 11.17 -15.46
N GLU A 551 29.97 10.74 -14.89
CA GLU A 551 31.16 10.37 -15.66
C GLU A 551 31.10 8.89 -16.11
N ASP A 552 30.12 8.11 -15.62
CA ASP A 552 30.11 6.66 -15.86
C ASP A 552 29.06 6.39 -16.95
N TYR A 553 29.40 5.70 -18.03
CA TYR A 553 28.36 5.44 -19.06
C TYR A 553 27.21 4.56 -18.55
N GLU A 554 27.38 4.06 -17.34
CA GLU A 554 26.34 3.23 -16.75
C GLU A 554 25.61 3.95 -15.64
N ASP A 555 25.74 5.27 -15.55
CA ASP A 555 25.10 6.06 -14.52
C ASP A 555 23.59 5.97 -14.71
N GLY A 556 22.82 5.73 -13.64
CA GLY A 556 21.40 5.49 -13.79
C GLY A 556 20.87 4.07 -13.91
N CYS A 557 21.74 3.08 -14.11
CA CYS A 557 21.29 1.72 -14.29
C CYS A 557 20.78 1.13 -12.98
N ILE A 558 19.56 0.67 -13.00
CA ILE A 558 18.99 -0.06 -11.89
C ILE A 558 18.26 -1.26 -12.51
N LEU A 559 18.46 -2.48 -12.01
CA LEU A 559 17.79 -3.60 -12.58
C LEU A 559 17.97 -3.58 -14.09
N GLY A 560 19.19 -3.24 -14.50
CA GLY A 560 19.65 -3.36 -15.87
C GLY A 560 19.16 -2.36 -16.90
N TYR A 561 18.48 -1.31 -16.50
CA TYR A 561 18.19 -0.24 -17.41
C TYR A 561 18.07 1.13 -16.75
N LYS A 562 18.25 2.16 -17.56
CA LYS A 562 18.11 3.54 -17.03
C LYS A 562 16.87 4.08 -17.57
N GLU A 563 16.28 5.14 -16.94
CA GLU A 563 15.19 5.83 -17.57
C GLU A 563 15.49 7.31 -17.46
N GLN A 564 15.21 8.07 -18.51
CA GLN A 564 15.21 9.54 -18.40
C GLN A 564 13.78 9.95 -18.55
N PHE A 565 13.36 10.88 -17.71
CA PHE A 565 11.99 11.43 -17.72
C PHE A 565 11.97 12.82 -18.29
N LEU A 566 10.89 13.19 -18.95
CA LEU A 566 10.60 14.66 -19.15
C LEU A 566 9.80 15.16 -17.96
N ARG A 567 10.45 15.93 -17.09
CA ARG A 567 9.89 16.38 -15.83
C ARG A 567 9.54 17.82 -16.02
N LEU A 568 8.55 18.33 -15.31
CA LEU A 568 8.16 19.73 -15.46
C LEU A 568 9.23 20.56 -14.84
N ARG A 569 9.58 21.70 -15.46
CA ARG A 569 10.61 22.49 -14.92
C ARG A 569 10.07 23.18 -13.66
N LYS A 570 10.92 23.34 -12.65
CA LYS A 570 10.50 23.99 -11.38
C LYS A 570 9.93 25.38 -11.60
N SER A 571 10.48 26.10 -12.58
CA SER A 571 10.09 27.49 -12.85
C SER A 571 8.88 27.61 -13.77
N SER A 572 8.37 26.50 -14.32
CA SER A 572 7.17 26.59 -15.14
C SER A 572 5.96 26.56 -14.23
N MET A 573 5.02 27.46 -14.42
CA MET A 573 3.83 27.43 -13.63
C MET A 573 2.64 27.18 -14.53
N CYS A 574 2.27 25.92 -14.65
CA CYS A 574 1.35 25.49 -15.68
C CYS A 574 0.75 24.14 -15.22
N GLN A 575 -0.35 23.75 -15.85
CA GLN A 575 -1.06 22.59 -15.40
C GLN A 575 -0.61 21.43 -16.30
N ASN A 576 -0.17 20.33 -15.67
CA ASN A 576 0.16 19.11 -16.42
C ASN A 576 -1.11 18.60 -17.11
N GLY A 577 -2.20 18.56 -16.39
CA GLY A 577 -3.51 18.22 -17.04
C GLY A 577 -4.07 16.90 -16.49
N ARG A 578 -5.37 16.74 -16.53
CA ARG A 578 -5.92 15.50 -16.00
C ARG A 578 -5.49 14.34 -16.88
N ASP A 579 -5.16 14.59 -18.14
CA ASP A 579 -4.75 13.50 -19.08
C ASP A 579 -3.23 13.40 -19.24
N TYR A 580 -2.50 13.94 -18.28
CA TYR A 580 -1.00 13.96 -18.30
C TYR A 580 -0.53 12.53 -18.24
N VAL A 581 0.46 12.22 -19.06
CA VAL A 581 1.09 10.91 -19.19
C VAL A 581 2.58 11.05 -18.85
N VAL A 582 3.11 10.30 -17.90
CA VAL A 582 4.57 10.43 -17.55
C VAL A 582 5.37 9.98 -18.77
N THR A 583 6.08 10.92 -19.37
CA THR A 583 6.90 10.59 -20.59
C THR A 583 8.31 10.19 -20.18
N LYS A 584 8.73 9.02 -20.61
CA LYS A 584 10.08 8.52 -20.25
C LYS A 584 10.62 7.65 -21.38
N GLN A 585 11.92 7.44 -21.35
CA GLN A 585 12.63 6.71 -22.38
C GLN A 585 13.70 5.85 -21.76
N PRO A 586 13.68 4.52 -22.04
CA PRO A 586 14.66 3.63 -21.40
C PRO A 586 15.92 3.47 -22.20
N SER A 587 17.02 3.19 -21.47
CA SER A 587 18.23 2.75 -22.12
C SER A 587 18.60 1.43 -21.43
N ILE A 588 18.99 0.46 -22.25
CA ILE A 588 19.18 -0.92 -21.77
C ILE A 588 20.67 -1.00 -21.45
N CYS A 589 21.01 -1.55 -20.29
CA CYS A 589 22.43 -1.66 -19.88
C CYS A 589 22.95 -3.07 -20.18
N LEU A 590 24.25 -3.22 -20.20
CA LEU A 590 24.81 -4.55 -20.48
C LEU A 590 24.69 -5.43 -19.27
N CYS A 591 24.56 -6.74 -19.42
CA CYS A 591 24.41 -7.54 -18.20
C CYS A 591 25.73 -7.65 -17.50
N SER A 592 25.74 -7.56 -16.18
CA SER A 592 26.90 -7.94 -15.39
C SER A 592 26.47 -8.98 -14.31
N LEU A 593 27.42 -9.43 -13.48
CA LEU A 593 27.09 -10.45 -12.48
C LEU A 593 26.14 -9.90 -11.43
N GLU A 594 26.20 -8.59 -11.23
CA GLU A 594 25.28 -7.85 -10.35
C GLU A 594 23.81 -7.89 -10.78
N ASP A 595 23.51 -8.30 -12.02
CA ASP A 595 22.12 -8.36 -12.47
C ASP A 595 21.53 -9.76 -12.20
N PHE A 596 22.32 -10.60 -11.54
CA PHE A 596 21.90 -11.97 -11.20
C PHE A 596 21.81 -12.19 -9.69
N LEU A 597 20.85 -13.00 -9.27
CA LEU A 597 20.75 -13.41 -7.85
C LEU A 597 21.41 -14.80 -7.74
N CYS A 598 22.01 -15.15 -6.60
CA CYS A 598 22.45 -16.55 -6.36
C CYS A 598 21.24 -17.42 -6.29
N ASP A 599 21.20 -18.48 -7.07
CA ASP A 599 20.04 -19.35 -7.08
C ASP A 599 20.16 -20.28 -5.85
N PHE A 600 19.19 -21.16 -5.64
CA PHE A 600 19.23 -21.97 -4.44
C PHE A 600 20.51 -22.81 -4.46
N GLY A 601 21.11 -22.99 -3.28
CA GLY A 601 22.33 -23.81 -3.12
C GLY A 601 23.62 -23.03 -3.24
N TYR A 602 23.56 -21.79 -3.76
CA TYR A 602 24.74 -20.93 -3.89
C TYR A 602 24.70 -19.69 -3.02
N TYR A 603 25.86 -19.07 -2.86
CA TYR A 603 25.99 -17.76 -2.22
C TYR A 603 27.13 -16.95 -2.79
N ARG A 604 27.19 -15.70 -2.37
CA ARG A 604 28.13 -14.72 -2.84
C ARG A 604 28.93 -14.23 -1.61
N PRO A 605 30.17 -14.75 -1.42
CA PRO A 605 31.01 -14.30 -0.31
C PRO A 605 31.64 -12.90 -0.49
N GLU A 606 32.50 -12.55 0.47
CA GLU A 606 33.00 -11.18 0.70
C GLU A 606 32.75 -10.16 -0.40
N ASN A 607 33.33 -10.38 -1.57
CA ASN A 607 33.41 -9.31 -2.56
C ASN A 607 32.61 -9.45 -3.86
N ASP A 608 33.20 -8.91 -4.92
CA ASP A 608 32.48 -8.43 -6.10
C ASP A 608 31.88 -9.49 -7.05
N SER A 609 31.09 -10.41 -6.47
CA SER A 609 29.87 -10.92 -7.12
C SER A 609 29.88 -12.27 -7.83
N LYS A 610 30.71 -13.21 -7.42
CA LYS A 610 30.61 -14.52 -8.04
C LYS A 610 29.92 -15.56 -7.12
N CYS A 611 28.70 -15.96 -7.50
CA CYS A 611 27.89 -16.97 -6.77
C CYS A 611 28.52 -18.37 -6.81
N VAL A 612 28.82 -18.89 -5.62
CA VAL A 612 29.53 -20.20 -5.48
C VAL A 612 28.71 -21.21 -4.66
N GLU A 613 28.92 -22.50 -4.90
CA GLU A 613 28.21 -23.53 -4.15
C GLU A 613 28.41 -23.33 -2.64
N GLN A 614 27.32 -23.43 -1.89
CA GLN A 614 27.40 -23.58 -0.43
C GLN A 614 28.05 -24.91 -0.04
N PRO A 615 28.98 -24.89 0.94
CA PRO A 615 29.66 -26.10 1.43
C PRO A 615 28.75 -27.05 2.23
N GLU A 616 27.70 -26.49 2.86
CA GLU A 616 26.73 -27.23 3.67
C GLU A 616 25.38 -26.54 3.63
N LEU A 617 24.31 -27.32 3.57
CA LEU A 617 22.97 -26.79 3.65
C LEU A 617 22.43 -27.04 5.06
N LYS A 618 21.99 -25.99 5.73
CA LYS A 618 21.50 -26.08 7.11
C LYS A 618 20.09 -25.55 7.15
N GLY A 619 19.35 -25.77 8.24
CA GLY A 619 18.11 -25.02 8.47
C GLY A 619 17.13 -25.16 7.30
N HIS A 620 16.48 -24.06 6.91
CA HIS A 620 15.45 -24.14 5.88
C HIS A 620 15.97 -24.41 4.47
N ASP A 621 17.26 -24.14 4.23
CA ASP A 621 17.88 -24.55 2.93
C ASP A 621 17.88 -26.08 2.84
N LEU A 622 18.26 -26.71 3.92
CA LEU A 622 18.23 -28.19 3.99
C LEU A 622 16.80 -28.69 3.81
N GLU A 623 15.84 -28.17 4.55
CA GLU A 623 14.43 -28.50 4.32
C GLU A 623 14.02 -28.31 2.84
N PHE A 624 14.47 -27.22 2.20
CA PHE A 624 14.05 -26.98 0.83
C PHE A 624 14.57 -28.06 -0.12
N CYS A 625 15.80 -28.50 0.10
CA CYS A 625 16.37 -29.54 -0.72
C CYS A 625 15.60 -30.86 -0.64
N LEU A 626 15.17 -31.21 0.56
CA LEU A 626 14.42 -32.44 0.78
C LEU A 626 12.99 -32.34 0.24
N TYR A 627 12.39 -31.15 0.31
CA TYR A 627 11.00 -30.99 -0.12
C TYR A 627 10.83 -30.32 -1.50
N GLY A 628 11.90 -29.79 -2.09
CA GLY A 628 11.79 -29.03 -3.32
C GLY A 628 11.65 -29.90 -4.56
N ARG A 629 11.11 -29.32 -5.63
CA ARG A 629 11.07 -29.99 -6.93
C ARG A 629 12.45 -29.94 -7.62
N GLU A 630 12.81 -30.99 -8.35
CA GLU A 630 13.94 -30.94 -9.29
C GLU A 630 14.06 -29.61 -10.03
N GLU A 631 12.99 -29.19 -10.71
CA GLU A 631 12.96 -27.92 -11.46
C GLU A 631 13.71 -26.79 -10.73
N HIS A 632 13.49 -26.71 -9.43
CA HIS A 632 14.02 -25.61 -8.62
C HIS A 632 15.37 -25.96 -8.01
N LEU A 633 15.69 -27.26 -8.00
CA LEU A 633 16.90 -27.74 -7.41
C LEU A 633 17.98 -28.01 -8.48
N THR A 634 17.60 -27.85 -9.75
CA THR A 634 18.53 -27.97 -10.86
C THR A 634 18.96 -26.55 -11.28
N THR A 635 20.23 -26.22 -11.08
CA THR A 635 20.70 -24.86 -11.34
C THR A 635 22.17 -24.69 -11.65
N ASN A 636 22.51 -23.56 -12.29
CA ASN A 636 23.89 -23.17 -12.46
C ASN A 636 24.35 -22.19 -11.41
N GLY A 637 23.51 -21.95 -10.42
CA GLY A 637 23.87 -21.04 -9.38
C GLY A 637 23.46 -19.58 -9.57
N TYR A 638 23.04 -19.17 -10.77
CA TYR A 638 22.60 -17.74 -11.03
C TYR A 638 21.18 -17.66 -11.53
N ARG A 639 20.45 -16.61 -11.16
CA ARG A 639 19.19 -16.38 -11.75
C ARG A 639 19.06 -14.87 -11.91
N LYS A 640 18.61 -14.42 -13.08
CA LYS A 640 18.39 -12.99 -13.35
C LYS A 640 17.48 -12.35 -12.28
N ILE A 641 17.88 -11.19 -11.77
CA ILE A 641 17.05 -10.47 -10.84
C ILE A 641 15.67 -10.22 -11.47
N PRO A 642 14.57 -10.47 -10.72
CA PRO A 642 13.26 -10.31 -11.39
C PRO A 642 13.00 -8.83 -11.71
N GLY A 643 12.53 -8.55 -12.92
CA GLY A 643 12.28 -7.17 -13.41
C GLY A 643 13.55 -6.65 -14.06
N ASP A 644 14.59 -7.47 -14.06
CA ASP A 644 15.90 -6.99 -14.57
C ASP A 644 15.93 -7.06 -16.12
N LYS A 645 16.25 -5.93 -16.78
CA LYS A 645 16.11 -5.84 -18.23
C LYS A 645 17.36 -5.74 -19.05
N CYS A 646 18.52 -6.12 -18.46
CA CYS A 646 19.80 -6.04 -19.12
C CYS A 646 19.85 -6.98 -20.34
N GLN A 647 20.70 -6.65 -21.32
CA GLN A 647 20.88 -7.42 -22.54
C GLN A 647 22.37 -7.39 -22.86
N GLY A 648 22.88 -8.51 -23.36
CA GLY A 648 24.27 -8.56 -23.84
C GLY A 648 25.12 -8.58 -22.59
N GLY A 649 26.44 -8.57 -22.75
CA GLY A 649 27.34 -8.56 -21.60
C GLY A 649 27.45 -9.97 -21.03
N VAL A 650 27.74 -10.05 -19.74
CA VAL A 650 28.03 -11.30 -19.04
C VAL A 650 26.81 -12.18 -19.01
N ASN A 651 27.00 -13.43 -19.34
CA ASN A 651 25.93 -14.40 -19.32
C ASN A 651 26.54 -15.69 -18.75
N PRO A 652 26.31 -15.96 -17.45
CA PRO A 652 27.03 -17.07 -16.78
C PRO A 652 26.83 -18.39 -17.54
N VAL A 653 27.91 -19.10 -17.80
CA VAL A 653 27.82 -20.26 -18.68
C VAL A 653 28.23 -21.58 -17.98
N ARG A 654 28.58 -21.49 -16.70
CA ARG A 654 28.71 -22.66 -15.87
C ARG A 654 27.53 -23.59 -16.15
N GLU A 655 27.79 -24.89 -16.18
CA GLU A 655 26.71 -25.82 -16.44
C GLU A 655 25.85 -26.08 -15.20
N VAL A 656 24.55 -26.20 -15.46
CA VAL A 656 23.50 -26.61 -14.52
C VAL A 656 23.71 -28.02 -13.93
N LYS A 657 23.52 -28.15 -12.61
CA LYS A 657 23.59 -29.43 -11.90
C LYS A 657 22.42 -29.59 -10.92
N ASP A 658 22.02 -30.83 -10.65
CA ASP A 658 21.00 -31.05 -9.62
C ASP A 658 21.64 -31.03 -8.21
N LEU A 659 21.25 -30.07 -7.40
CA LEU A 659 21.77 -30.03 -6.05
C LEU A 659 21.05 -31.03 -5.15
N LYS A 660 19.93 -31.55 -5.62
CA LYS A 660 19.16 -32.54 -4.89
C LYS A 660 20.10 -33.69 -4.45
N LYS A 661 20.80 -34.26 -5.43
CA LYS A 661 21.84 -35.26 -5.24
C LYS A 661 22.87 -34.89 -4.18
N LYS A 662 23.19 -33.60 -4.07
CA LYS A 662 24.21 -33.16 -3.11
C LYS A 662 23.81 -33.41 -1.64
N CYS A 663 22.62 -32.93 -1.23
CA CYS A 663 22.15 -33.08 0.15
C CYS A 663 21.63 -34.44 0.51
N THR A 664 20.78 -34.99 -0.36
CA THR A 664 20.14 -36.27 -0.09
C THR A 664 21.15 -37.40 -0.17
N SER A 665 22.36 -37.04 -0.63
CA SER A 665 23.52 -37.94 -0.61
C SER A 665 23.87 -38.46 0.81
N ASN A 666 23.58 -37.67 1.85
CA ASN A 666 23.94 -38.04 3.23
C ASN A 666 22.90 -38.97 3.87
N PHE A 667 21.70 -39.03 3.27
CA PHE A 667 20.54 -39.70 3.86
C PHE A 667 20.43 -41.14 3.32
N LEU A 668 20.12 -42.08 4.17
CA LEU A 668 19.75 -43.41 3.69
C LEU A 668 18.39 -43.30 2.98
N SER A 669 18.28 -43.76 1.73
CA SER A 669 16.99 -43.58 1.06
C SER A 669 16.15 -44.86 1.25
N PRO A 670 14.82 -44.71 1.33
CA PRO A 670 13.98 -45.89 1.44
C PRO A 670 13.81 -46.46 0.04
N GLU A 671 13.20 -47.62 -0.09
CA GLU A 671 13.07 -48.22 -1.40
C GLU A 671 12.17 -47.41 -2.34
N LYS A 672 12.50 -47.43 -3.62
CA LYS A 672 11.73 -46.68 -4.61
C LYS A 672 10.60 -47.55 -5.12
N PRO B 10 -0.19 -4.53 3.83
CA PRO B 10 0.34 -5.86 4.20
C PRO B 10 -0.76 -6.87 4.56
N TYR B 11 -0.41 -8.15 4.46
CA TYR B 11 -1.30 -9.29 4.32
C TYR B 11 -0.70 -10.41 5.14
N ILE B 12 -1.32 -10.78 6.26
CA ILE B 12 -0.72 -11.69 7.23
C ILE B 12 -1.01 -13.15 6.91
N LEU B 13 -0.02 -13.99 7.14
CA LEU B 13 -0.14 -15.43 6.96
C LEU B 13 0.52 -16.20 8.13
#